data_5GZM
#
_entry.id   5GZM
#
_cell.length_a   136.779
_cell.length_b   74.131
_cell.length_c   95.761
_cell.angle_alpha   90.00
_cell.angle_beta   132.84
_cell.angle_gamma   90.00
#
_symmetry.space_group_name_H-M   'C 1 2 1'
#
loop_
_entity.id
_entity.type
_entity.pdbx_description
1 polymer 'Lysine cyclodeaminase'
2 non-polymer NICOTINAMIDE-ADENINE-DINUCLEOTIDE
3 non-polymer '(2S)-piperidine-2-carboxylic acid'
4 water water
#
_entity_poly.entity_id   1
_entity_poly.type   'polypeptide(L)'
_entity_poly.pdbx_seq_one_letter_code
;RGSHMETWVLGRRDVAEVVAAVGRDELMRRIIDRLTGGLAEIGRGERHLSPLRGGLERSEPVPGIWEWMPHREPGDHITL
KTVGYSPANPARFGLPTILGTVARYDDTTGALTALMDGVLLTALRTGAASAVASRLLARPDSHTLGLIGTGAQAVTQLHA
LSLVLPLQRALVWDTDPAHRESFARRAAFTGVSVEIAEPARIAAEADVISTATSVAVGQGPVLPDTGVREHLHINAVGAD
LVGKTELPLGLLERAFVTADHPEQALREGECQQLSADRLGPQLAHLCADPAAAAGRQDTLSVFDSTGFAFEDALAMEVFL
EAAAERDLGIRVGIEHHPGDALDPYALQPLPLPLAAPAH
;
_entity_poly.pdbx_strand_id   A,B
#
loop_
_chem_comp.id
_chem_comp.type
_chem_comp.name
_chem_comp.formula
NAD non-polymer NICOTINAMIDE-ADENINE-DINUCLEOTIDE 'C21 H27 N7 O14 P2'
#
# COMPACT_ATOMS: atom_id res chain seq x y z
N ARG A 1 -23.77 13.11 8.31
CA ARG A 1 -23.01 14.27 8.94
C ARG A 1 -22.34 15.15 7.88
N GLY A 2 -21.08 14.88 7.53
CA GLY A 2 -20.48 15.45 6.33
C GLY A 2 -21.16 14.84 5.11
N SER A 3 -20.90 15.37 3.93
CA SER A 3 -21.41 14.69 2.75
C SER A 3 -20.72 13.33 2.58
N HIS A 4 -21.50 12.35 2.09
CA HIS A 4 -21.01 10.99 1.93
C HIS A 4 -19.83 11.04 0.98
N MET A 5 -18.76 10.40 1.39
CA MET A 5 -17.55 10.28 0.56
C MET A 5 -17.58 8.95 -0.14
N GLU A 6 -17.08 8.92 -1.37
CA GLU A 6 -16.95 7.67 -2.09
C GLU A 6 -15.60 7.77 -2.82
N THR A 7 -15.16 6.65 -3.34
CA THR A 7 -13.91 6.55 -4.08
C THR A 7 -14.20 6.71 -5.56
N TRP A 8 -13.48 7.62 -6.19
CA TRP A 8 -13.71 7.89 -7.62
C TRP A 8 -12.79 6.93 -8.34
N VAL A 9 -13.35 6.02 -9.10
CA VAL A 9 -12.57 5.00 -9.78
C VAL A 9 -12.51 5.27 -11.29
N LEU A 10 -11.30 5.37 -11.77
CA LEU A 10 -10.97 5.41 -13.18
C LEU A 10 -10.23 4.12 -13.54
N GLY A 11 -10.96 3.25 -14.13
CA GLY A 11 -10.40 2.10 -14.77
C GLY A 11 -10.25 2.27 -16.27
N ARG A 12 -9.99 1.13 -16.89
CA ARG A 12 -9.31 1.09 -18.15
C ARG A 12 -10.12 1.80 -19.24
N ARG A 13 -11.45 1.72 -19.14
CA ARG A 13 -12.27 2.41 -20.11
C ARG A 13 -12.19 3.94 -20.02
N ASP A 14 -12.18 4.46 -18.80
CA ASP A 14 -12.06 5.92 -18.59
C ASP A 14 -10.69 6.48 -18.95
N VAL A 15 -9.65 5.75 -18.59
CA VAL A 15 -8.29 6.12 -18.94
C VAL A 15 -8.10 6.16 -20.48
N ALA A 16 -8.69 5.17 -21.15
CA ALA A 16 -8.74 5.20 -22.64
C ALA A 16 -9.46 6.43 -23.19
N GLU A 17 -10.55 6.80 -22.54
CA GLU A 17 -11.32 7.98 -22.93
C GLU A 17 -10.51 9.27 -22.74
N VAL A 18 -9.72 9.35 -21.67
CA VAL A 18 -8.88 10.54 -21.40
C VAL A 18 -7.87 10.65 -22.54
N VAL A 19 -7.27 9.53 -22.90
CA VAL A 19 -6.29 9.53 -23.99
C VAL A 19 -6.95 9.98 -25.30
N ALA A 20 -8.09 9.36 -25.65
CA ALA A 20 -8.77 9.75 -26.92
C ALA A 20 -9.18 11.23 -26.94
N ALA A 21 -9.66 11.72 -25.80
CA ALA A 21 -10.23 13.06 -25.72
C ALA A 21 -9.14 14.14 -25.65
N VAL A 22 -8.07 13.91 -24.89
CA VAL A 22 -7.02 14.92 -24.75
C VAL A 22 -6.08 14.83 -25.95
N GLY A 23 -5.82 13.63 -26.40
CA GLY A 23 -4.83 13.38 -27.44
C GLY A 23 -3.54 12.91 -26.80
N ARG A 24 -2.88 11.93 -27.43
CA ARG A 24 -1.66 11.33 -26.83
C ARG A 24 -0.56 12.35 -26.64
N ASP A 25 -0.29 13.13 -27.69
CA ASP A 25 0.73 14.14 -27.63
C ASP A 25 0.46 15.19 -26.56
N GLU A 26 -0.79 15.69 -26.44
CA GLU A 26 -1.08 16.72 -25.45
C GLU A 26 -0.95 16.16 -24.05
N LEU A 27 -1.38 14.91 -23.87
CA LEU A 27 -1.39 14.29 -22.57
C LEU A 27 0.06 14.12 -22.11
N MET A 28 0.90 13.63 -23.01
CA MET A 28 2.31 13.48 -22.69
C MET A 28 2.98 14.83 -22.39
N ARG A 29 2.68 15.90 -23.15
CA ARG A 29 3.22 17.20 -22.89
C ARG A 29 2.80 17.73 -21.55
N ARG A 30 1.55 17.48 -21.17
CA ARG A 30 1.07 17.90 -19.86
C ARG A 30 1.88 17.26 -18.73
N ILE A 31 2.13 15.98 -18.89
CA ILE A 31 2.90 15.20 -17.89
C ILE A 31 4.33 15.69 -17.83
N ILE A 32 4.92 15.96 -18.98
CA ILE A 32 6.26 16.51 -19.05
C ILE A 32 6.35 17.82 -18.33
N ASP A 33 5.38 18.71 -18.58
CA ASP A 33 5.39 20.03 -17.96
C ASP A 33 5.18 19.90 -16.45
N ARG A 34 4.29 19.04 -16.00
CA ARG A 34 4.05 18.96 -14.55
C ARG A 34 5.28 18.36 -13.85
N LEU A 35 5.88 17.37 -14.46
CA LEU A 35 7.13 16.78 -13.91
C LEU A 35 8.29 17.73 -13.83
N THR A 36 8.49 18.49 -14.92
CA THR A 36 9.53 19.50 -14.97
C THR A 36 9.39 20.48 -13.79
N GLY A 37 8.18 21.01 -13.60
CA GLY A 37 7.98 21.99 -12.53
C GLY A 37 8.15 21.37 -11.15
N GLY A 38 7.68 20.15 -11.00
CA GLY A 38 7.79 19.47 -9.71
C GLY A 38 9.23 19.13 -9.33
N LEU A 39 9.98 18.64 -10.29
CA LEU A 39 11.39 18.39 -10.05
C LEU A 39 12.12 19.67 -9.74
N ALA A 40 11.80 20.77 -10.41
CA ALA A 40 12.49 22.00 -10.09
C ALA A 40 12.16 22.42 -8.67
N GLU A 41 10.89 22.24 -8.27
CA GLU A 41 10.49 22.50 -6.87
C GLU A 41 11.32 21.70 -5.89
N ILE A 42 11.49 20.41 -6.17
CA ILE A 42 12.35 19.59 -5.31
C ILE A 42 13.76 20.14 -5.34
N GLY A 43 14.20 20.56 -6.52
CA GLY A 43 15.55 21.11 -6.66
C GLY A 43 15.74 22.40 -5.89
N ARG A 44 14.68 23.18 -5.74
CA ARG A 44 14.76 24.37 -4.89
C ARG A 44 14.55 24.12 -3.40
N GLY A 45 14.26 22.90 -2.97
CA GLY A 45 13.93 22.64 -1.57
C GLY A 45 12.51 22.94 -1.14
N GLU A 46 11.62 23.16 -2.09
CA GLU A 46 10.22 23.52 -1.82
C GLU A 46 9.38 22.26 -1.60
N ARG A 47 9.84 21.14 -2.15
CA ARG A 47 9.19 19.80 -1.96
C ARG A 47 10.32 18.78 -1.73
N HIS A 48 9.97 17.54 -1.35
CA HIS A 48 10.96 16.48 -1.04
C HIS A 48 10.75 15.29 -1.97
N LEU A 49 11.84 14.58 -2.31
CA LEU A 49 11.79 13.28 -2.90
C LEU A 49 10.94 12.37 -2.03
N SER A 50 10.34 11.41 -2.70
CA SER A 50 9.48 10.39 -2.04
C SER A 50 10.36 9.55 -1.10
N PRO A 51 9.78 8.97 -0.09
CA PRO A 51 10.60 8.09 0.77
C PRO A 51 10.97 6.83 0.00
N LEU A 52 11.88 6.03 0.52
CA LEU A 52 12.22 4.77 -0.16
C LEU A 52 10.96 3.90 -0.20
N ARG A 53 10.85 3.12 -1.24
CA ARG A 53 9.66 2.34 -1.45
C ARG A 53 9.99 1.01 -0.89
N GLY A 54 9.00 0.16 -0.80
CA GLY A 54 9.19 -1.12 -0.11
C GLY A 54 8.76 -2.17 -1.08
N GLY A 55 9.05 -3.41 -0.78
CA GLY A 55 8.76 -4.47 -1.74
C GLY A 55 9.00 -5.86 -1.26
N LEU A 56 8.45 -6.80 -2.00
CA LEU A 56 8.53 -8.22 -1.70
C LEU A 56 9.09 -8.94 -2.92
N GLU A 57 10.26 -9.52 -2.74
CA GLU A 57 10.87 -10.32 -3.78
C GLU A 57 10.03 -11.56 -3.99
N ARG A 58 9.76 -11.85 -5.25
CA ARG A 58 9.17 -13.09 -5.68
C ARG A 58 10.18 -13.93 -6.51
N SER A 59 10.27 -15.21 -6.22
CA SER A 59 11.26 -16.09 -6.82
C SER A 59 10.78 -16.71 -8.11
N GLU A 60 9.48 -16.92 -8.19
CA GLU A 60 8.87 -17.76 -9.22
C GLU A 60 7.82 -16.99 -9.93
N PRO A 61 7.60 -17.24 -11.23
CA PRO A 61 8.37 -18.17 -12.11
C PRO A 61 9.85 -17.79 -12.38
N VAL A 62 10.10 -16.48 -12.37
CA VAL A 62 11.37 -15.88 -12.67
C VAL A 62 11.44 -14.81 -11.61
N PRO A 63 12.66 -14.47 -11.14
CA PRO A 63 12.75 -13.48 -10.11
C PRO A 63 12.05 -12.16 -10.48
N GLY A 64 11.22 -11.70 -9.54
CA GLY A 64 10.46 -10.45 -9.69
C GLY A 64 10.30 -9.76 -8.36
N ILE A 65 9.54 -8.66 -8.37
CA ILE A 65 9.36 -7.83 -7.19
C ILE A 65 7.93 -7.20 -7.22
N TRP A 66 7.34 -7.02 -6.06
CA TRP A 66 6.02 -6.34 -5.94
C TRP A 66 6.28 -5.26 -4.89
N GLU A 67 6.08 -4.01 -5.31
CA GLU A 67 6.45 -2.85 -4.52
C GLU A 67 5.28 -1.94 -4.17
N TRP A 68 5.42 -1.19 -3.07
CA TRP A 68 4.47 -0.14 -2.70
C TRP A 68 5.28 1.15 -2.63
N MET A 69 4.75 2.22 -3.22
CA MET A 69 5.51 3.45 -3.38
C MET A 69 4.64 4.60 -2.87
N PRO A 70 4.86 5.05 -1.64
CA PRO A 70 4.11 6.18 -1.08
C PRO A 70 4.72 7.55 -1.36
N HIS A 71 3.85 8.55 -1.52
CA HIS A 71 4.24 9.95 -1.50
C HIS A 71 3.15 10.77 -0.77
N ARG A 72 3.55 11.51 0.26
CA ARG A 72 2.64 12.35 1.06
C ARG A 72 2.83 13.84 0.79
N GLU A 73 1.73 14.54 0.53
CA GLU A 73 1.70 16.01 0.54
C GLU A 73 1.00 16.39 1.84
N PRO A 74 1.76 16.82 2.87
CA PRO A 74 1.19 17.00 4.20
C PRO A 74 -0.04 17.89 4.18
N GLY A 75 -1.08 17.45 4.86
CA GLY A 75 -2.32 18.18 4.90
C GLY A 75 -3.19 18.02 3.70
N ASP A 76 -2.68 17.41 2.63
CA ASP A 76 -3.39 17.33 1.39
C ASP A 76 -3.83 15.85 1.11
N HIS A 77 -2.94 15.03 0.55
CA HIS A 77 -3.25 13.68 0.19
C HIS A 77 -1.99 12.83 0.19
N ILE A 78 -2.23 11.54 0.25
CA ILE A 78 -1.17 10.50 0.19
C ILE A 78 -1.45 9.72 -1.07
N THR A 79 -0.42 9.53 -1.88
CA THR A 79 -0.50 8.71 -3.07
C THR A 79 0.17 7.40 -2.78
N LEU A 80 -0.42 6.26 -3.16
CA LEU A 80 0.30 5.00 -3.03
C LEU A 80 0.14 4.22 -4.34
N LYS A 81 1.25 4.03 -5.05
CA LYS A 81 1.26 3.09 -6.14
C LYS A 81 1.69 1.73 -5.69
N THR A 82 0.91 0.73 -6.10
CA THR A 82 1.25 -0.65 -5.86
C THR A 82 1.48 -1.26 -7.26
N VAL A 83 2.66 -1.88 -7.42
CA VAL A 83 3.14 -2.30 -8.70
C VAL A 83 4.06 -3.53 -8.64
N GLY A 84 3.79 -4.47 -9.55
CA GLY A 84 4.55 -5.67 -9.75
C GLY A 84 5.41 -5.53 -10.97
N TYR A 85 6.62 -6.08 -10.83
CA TYR A 85 7.48 -6.42 -11.94
C TYR A 85 7.54 -7.94 -11.98
N SER A 86 6.97 -8.44 -13.05
CA SER A 86 6.78 -9.89 -13.27
C SER A 86 7.19 -10.19 -14.74
N PRO A 87 8.49 -10.39 -14.97
CA PRO A 87 9.00 -10.31 -16.37
C PRO A 87 8.68 -11.55 -17.17
N ALA A 88 8.24 -12.63 -16.51
CA ALA A 88 7.73 -13.78 -17.26
C ALA A 88 6.31 -13.51 -17.76
N ASN A 89 5.72 -12.38 -17.38
CA ASN A 89 4.30 -12.13 -17.65
C ASN A 89 3.95 -12.17 -19.08
N PRO A 90 4.65 -11.36 -19.93
CA PRO A 90 4.14 -11.37 -21.31
C PRO A 90 4.31 -12.76 -21.96
N ALA A 91 5.38 -13.45 -21.58
CA ALA A 91 5.76 -14.77 -22.13
C ALA A 91 5.01 -15.97 -21.57
N ARG A 92 4.49 -15.86 -20.37
CA ARG A 92 3.76 -16.96 -19.76
C ARG A 92 2.29 -16.73 -19.61
N PHE A 93 1.87 -15.48 -19.40
CA PHE A 93 0.44 -15.18 -19.20
C PHE A 93 -0.14 -14.22 -20.23
N GLY A 94 0.62 -13.68 -21.16
CA GLY A 94 0.04 -12.56 -22.00
C GLY A 94 -0.29 -11.27 -21.26
N LEU A 95 0.39 -11.06 -20.12
CA LEU A 95 0.16 -9.82 -19.37
C LEU A 95 1.34 -8.81 -19.41
N PRO A 96 1.07 -7.52 -19.24
CA PRO A 96 2.22 -6.60 -18.97
C PRO A 96 3.08 -7.03 -17.80
N THR A 97 4.38 -6.87 -17.99
CA THR A 97 5.35 -7.12 -16.99
C THR A 97 5.04 -6.21 -15.78
N ILE A 98 4.73 -4.94 -16.07
CA ILE A 98 4.47 -3.91 -15.04
C ILE A 98 2.95 -3.81 -14.91
N LEU A 99 2.42 -4.25 -13.76
CA LEU A 99 0.97 -4.18 -13.52
C LEU A 99 0.81 -3.52 -12.17
N GLY A 100 0.00 -2.48 -12.14
CA GLY A 100 -0.20 -1.76 -10.90
C GLY A 100 -1.39 -0.84 -10.98
N THR A 101 -1.64 -0.23 -9.83
CA THR A 101 -2.70 0.74 -9.66
C THR A 101 -2.16 1.88 -8.80
N VAL A 102 -2.79 3.03 -8.93
CA VAL A 102 -2.44 4.18 -8.09
C VAL A 102 -3.67 4.69 -7.32
N ALA A 103 -3.52 4.84 -6.03
CA ALA A 103 -4.59 5.22 -5.14
C ALA A 103 -4.19 6.51 -4.46
N ARG A 104 -5.22 7.33 -4.14
CA ARG A 104 -5.01 8.52 -3.39
C ARG A 104 -5.89 8.51 -2.14
N TYR A 105 -5.29 8.89 -1.01
CA TYR A 105 -5.98 8.93 0.27
C TYR A 105 -5.95 10.36 0.80
N ASP A 106 -7.07 10.82 1.33
CA ASP A 106 -7.09 12.12 2.03
C ASP A 106 -6.13 12.13 3.20
N ASP A 107 -5.25 13.11 3.31
CA ASP A 107 -4.23 13.08 4.36
C ASP A 107 -4.84 13.40 5.71
N THR A 108 -5.96 14.13 5.69
CA THR A 108 -6.64 14.58 6.91
C THR A 108 -7.40 13.45 7.56
N THR A 109 -8.19 12.73 6.78
CA THR A 109 -9.08 11.71 7.36
C THR A 109 -8.62 10.27 7.13
N GLY A 110 -7.77 10.07 6.11
CA GLY A 110 -7.37 8.77 5.63
C GLY A 110 -8.23 8.14 4.56
N ALA A 111 -9.33 8.80 4.16
CA ALA A 111 -10.26 8.22 3.21
C ALA A 111 -9.65 7.98 1.83
N LEU A 112 -9.95 6.81 1.29
CA LEU A 112 -9.63 6.50 -0.11
C LEU A 112 -10.50 7.28 -1.06
N THR A 113 -9.91 8.27 -1.75
CA THR A 113 -10.69 9.19 -2.60
C THR A 113 -10.67 8.89 -4.07
N ALA A 114 -9.64 8.20 -4.52
CA ALA A 114 -9.54 7.89 -5.95
C ALA A 114 -8.59 6.71 -6.17
N LEU A 115 -8.86 6.00 -7.26
CA LEU A 115 -8.15 4.79 -7.62
C LEU A 115 -8.16 4.64 -9.14
N MET A 116 -7.00 4.39 -9.73
CA MET A 116 -6.90 4.22 -11.15
C MET A 116 -5.84 3.25 -11.58
N ASP A 117 -5.95 2.81 -12.82
CA ASP A 117 -4.94 1.98 -13.50
C ASP A 117 -3.58 2.63 -13.35
N GLY A 118 -2.57 1.81 -13.12
CA GLY A 118 -1.19 2.30 -13.01
C GLY A 118 -0.36 1.97 -14.23
N VAL A 119 -0.91 1.15 -15.11
CA VAL A 119 -0.10 0.66 -16.27
C VAL A 119 0.24 1.75 -17.26
N LEU A 120 -0.77 2.44 -17.81
CA LEU A 120 -0.53 3.54 -18.69
C LEU A 120 0.10 4.73 -18.03
N LEU A 121 -0.36 5.07 -16.82
CA LEU A 121 0.19 6.21 -16.11
C LEU A 121 1.73 5.99 -15.93
N THR A 122 2.09 4.79 -15.51
CA THR A 122 3.54 4.44 -15.29
C THR A 122 4.33 4.64 -16.57
N ALA A 123 3.88 4.00 -17.64
CA ALA A 123 4.52 4.20 -18.95
C ALA A 123 4.62 5.69 -19.32
N LEU A 124 3.54 6.49 -19.16
CA LEU A 124 3.59 7.90 -19.48
C LEU A 124 4.59 8.69 -18.64
N ARG A 125 4.55 8.58 -17.30
CA ARG A 125 5.47 9.39 -16.48
C ARG A 125 6.94 8.94 -16.63
N THR A 126 7.17 7.72 -17.07
CA THR A 126 8.54 7.22 -17.21
C THR A 126 9.10 7.73 -18.52
N GLY A 127 8.27 7.72 -19.57
CA GLY A 127 8.72 8.40 -20.79
C GLY A 127 8.94 9.89 -20.51
N ALA A 128 7.99 10.54 -19.81
CA ALA A 128 8.11 11.94 -19.46
C ALA A 128 9.45 12.25 -18.77
N ALA A 129 9.84 11.44 -17.79
CA ALA A 129 11.07 11.68 -17.01
C ALA A 129 12.29 11.62 -17.92
N SER A 130 12.32 10.67 -18.87
CA SER A 130 13.38 10.61 -19.86
C SER A 130 13.37 11.85 -20.73
N ALA A 131 12.18 12.36 -21.08
CA ALA A 131 12.11 13.58 -21.86
C ALA A 131 12.68 14.78 -21.09
N VAL A 132 12.39 14.84 -19.80
CA VAL A 132 12.88 15.94 -18.95
C VAL A 132 14.42 15.89 -18.96
N ALA A 133 14.94 14.71 -18.74
CA ALA A 133 16.36 14.53 -18.59
C ALA A 133 17.08 14.78 -19.93
N SER A 134 16.43 14.33 -21.00
CA SER A 134 17.04 14.42 -22.33
C SER A 134 16.99 15.84 -22.88
N ARG A 135 15.96 16.61 -22.53
CA ARG A 135 16.02 18.03 -22.90
C ARG A 135 17.26 18.69 -22.29
N LEU A 136 17.59 18.32 -21.06
CA LEU A 136 18.73 18.91 -20.43
C LEU A 136 20.06 18.35 -20.94
N LEU A 137 20.13 17.06 -21.32
CA LEU A 137 21.42 16.38 -21.47
C LEU A 137 21.68 15.84 -22.87
N ALA A 138 20.65 15.80 -23.71
CA ALA A 138 20.79 15.44 -25.08
C ALA A 138 21.07 16.64 -25.98
N ARG A 139 21.82 16.45 -27.04
CA ARG A 139 21.96 17.56 -27.98
C ARG A 139 20.58 17.94 -28.55
N PRO A 140 20.28 19.25 -28.62
CA PRO A 140 18.93 19.63 -29.02
C PRO A 140 18.58 19.30 -30.47
N ASP A 141 19.59 19.01 -31.30
CA ASP A 141 19.38 18.50 -32.66
C ASP A 141 19.52 17.01 -32.83
N SER A 142 19.34 16.27 -31.75
CA SER A 142 19.35 14.83 -31.82
C SER A 142 18.29 14.31 -32.76
N HIS A 143 18.71 13.41 -33.64
CA HIS A 143 17.87 12.86 -34.69
C HIS A 143 17.72 11.37 -34.61
N THR A 144 18.68 10.69 -33.97
CA THR A 144 18.64 9.22 -33.90
C THR A 144 18.49 8.77 -32.45
N LEU A 145 17.37 8.09 -32.19
CA LEU A 145 17.14 7.41 -30.88
C LEU A 145 17.47 5.93 -30.96
N GLY A 146 18.24 5.38 -29.99
CA GLY A 146 18.43 3.96 -29.84
C GLY A 146 17.54 3.39 -28.75
N LEU A 147 16.98 2.21 -28.96
CA LEU A 147 16.19 1.56 -27.89
C LEU A 147 16.65 0.14 -27.69
N ILE A 148 17.01 -0.22 -26.46
CA ILE A 148 17.37 -1.57 -26.10
C ILE A 148 16.31 -2.06 -25.14
N GLY A 149 15.64 -3.14 -25.53
CA GLY A 149 14.34 -3.53 -24.96
C GLY A 149 13.25 -2.81 -25.73
N THR A 150 12.36 -3.56 -26.39
CA THR A 150 11.31 -2.97 -27.14
C THR A 150 9.99 -3.53 -26.64
N GLY A 151 9.84 -3.63 -25.32
CA GLY A 151 8.53 -3.87 -24.74
C GLY A 151 7.75 -2.60 -24.46
N ALA A 152 7.11 -2.53 -23.30
CA ALA A 152 6.09 -1.48 -23.09
C ALA A 152 6.73 -0.11 -22.90
N GLN A 153 7.80 -0.04 -22.12
CA GLN A 153 8.34 1.26 -21.75
C GLN A 153 8.92 1.86 -22.99
N ALA A 154 9.40 1.01 -23.86
CA ALA A 154 9.98 1.52 -25.08
C ALA A 154 9.04 2.36 -25.91
N VAL A 155 7.75 2.01 -25.89
CA VAL A 155 6.79 2.77 -26.65
C VAL A 155 6.69 4.21 -26.17
N THR A 156 6.61 4.43 -24.86
CA THR A 156 6.53 5.77 -24.35
C THR A 156 7.84 6.54 -24.29
N GLN A 157 8.95 5.81 -24.20
CA GLN A 157 10.28 6.42 -24.38
C GLN A 157 10.30 7.12 -25.74
N LEU A 158 9.97 6.37 -26.80
CA LEU A 158 10.01 6.94 -28.13
C LEU A 158 9.04 8.09 -28.23
N HIS A 159 7.84 7.90 -27.69
CA HIS A 159 6.84 8.94 -27.80
C HIS A 159 7.28 10.26 -27.14
N ALA A 160 7.65 10.19 -25.88
CA ALA A 160 8.08 11.37 -25.12
C ALA A 160 9.23 12.02 -25.79
N LEU A 161 10.20 11.22 -26.21
CA LEU A 161 11.45 11.82 -26.73
C LEU A 161 11.17 12.45 -28.06
N SER A 162 10.20 11.90 -28.82
CA SER A 162 9.86 12.46 -30.13
C SER A 162 9.21 13.83 -29.99
N LEU A 163 8.72 14.16 -28.79
CA LEU A 163 8.10 15.46 -28.56
C LEU A 163 9.08 16.53 -28.17
N VAL A 164 10.26 16.15 -27.68
CA VAL A 164 11.22 17.14 -27.23
C VAL A 164 12.47 17.21 -28.10
N LEU A 165 12.67 16.23 -28.97
CA LEU A 165 13.87 16.22 -29.84
C LEU A 165 13.37 15.96 -31.26
N PRO A 166 14.09 16.49 -32.29
CA PRO A 166 13.71 16.30 -33.70
C PRO A 166 14.08 14.91 -34.24
N LEU A 167 13.51 13.87 -33.65
CA LEU A 167 13.88 12.50 -33.95
C LEU A 167 13.43 12.14 -35.35
N GLN A 168 14.33 11.50 -36.13
CA GLN A 168 14.06 11.08 -37.49
C GLN A 168 14.07 9.54 -37.61
N ARG A 169 14.82 8.85 -36.76
CA ARG A 169 15.00 7.42 -36.80
C ARG A 169 15.04 6.87 -35.42
N ALA A 170 14.57 5.65 -35.28
CA ALA A 170 14.75 4.88 -34.05
C ALA A 170 15.35 3.56 -34.49
N LEU A 171 16.48 3.23 -33.91
CA LEU A 171 17.19 2.00 -34.09
C LEU A 171 16.97 1.13 -32.88
N VAL A 172 16.43 -0.07 -33.05
CA VAL A 172 15.78 -0.80 -31.92
C VAL A 172 16.24 -2.25 -31.83
N TRP A 173 16.44 -2.73 -30.60
CA TRP A 173 16.83 -4.13 -30.36
C TRP A 173 16.08 -4.72 -29.17
N ASP A 174 15.78 -6.00 -29.27
CA ASP A 174 15.26 -6.78 -28.12
C ASP A 174 15.85 -8.18 -28.32
N THR A 175 16.18 -8.89 -27.24
CA THR A 175 16.66 -10.25 -27.37
C THR A 175 15.55 -11.22 -27.74
N ASP A 176 14.30 -10.76 -27.70
CA ASP A 176 13.18 -11.56 -28.15
C ASP A 176 12.77 -11.16 -29.53
N PRO A 177 12.98 -12.07 -30.53
CA PRO A 177 12.74 -11.57 -31.89
C PRO A 177 11.33 -11.08 -32.16
N ALA A 178 10.32 -11.74 -31.61
CA ALA A 178 8.96 -11.29 -31.81
C ALA A 178 8.71 -9.86 -31.29
N HIS A 179 9.33 -9.52 -30.17
CA HIS A 179 9.09 -8.20 -29.51
C HIS A 179 9.68 -7.02 -30.28
N ARG A 180 10.86 -7.21 -30.85
CA ARG A 180 11.47 -6.19 -31.72
C ARG A 180 10.78 -6.12 -33.09
N GLU A 181 10.32 -7.27 -33.60
CA GLU A 181 9.61 -7.29 -34.87
C GLU A 181 8.25 -6.56 -34.81
N SER A 182 7.58 -6.50 -33.66
CA SER A 182 6.29 -5.79 -33.55
C SER A 182 6.33 -4.25 -33.18
N PHE A 183 7.59 -3.89 -32.85
CA PHE A 183 7.80 -2.53 -32.36
C PHE A 183 7.35 -1.51 -33.36
N ALA A 184 7.74 -1.66 -34.61
CA ALA A 184 7.36 -0.67 -35.59
C ALA A 184 5.86 -0.39 -35.63
N ARG A 185 5.07 -1.46 -35.55
CA ARG A 185 3.60 -1.37 -35.52
C ARG A 185 3.18 -0.51 -34.32
N ARG A 186 3.73 -0.91 -33.17
CA ARG A 186 3.44 -0.17 -31.93
C ARG A 186 3.94 1.28 -31.98
N ALA A 187 5.01 1.53 -32.74
CA ALA A 187 5.58 2.88 -32.79
C ALA A 187 4.99 3.78 -33.90
N ALA A 188 4.20 3.21 -34.79
CA ALA A 188 3.74 3.92 -35.99
C ALA A 188 3.18 5.29 -35.69
N PHE A 189 2.33 5.43 -34.66
CA PHE A 189 1.68 6.71 -34.37
C PHE A 189 2.62 7.87 -34.13
N THR A 190 3.88 7.61 -33.74
CA THR A 190 4.84 8.72 -33.56
C THR A 190 5.41 9.30 -34.85
N GLY A 191 5.36 8.57 -35.93
CA GLY A 191 5.81 9.09 -37.21
C GLY A 191 7.31 8.87 -37.39
N VAL A 192 7.97 8.32 -36.37
CA VAL A 192 9.43 8.12 -36.41
C VAL A 192 9.76 6.81 -37.07
N SER A 193 10.59 6.86 -38.08
CA SER A 193 11.02 5.66 -38.75
C SER A 193 11.81 4.65 -37.87
N VAL A 194 11.39 3.38 -37.90
CA VAL A 194 11.99 2.30 -37.10
C VAL A 194 12.87 1.31 -37.86
N GLU A 195 14.05 0.99 -37.33
CA GLU A 195 14.85 -0.08 -37.89
C GLU A 195 15.38 -0.88 -36.78
N ILE A 196 15.29 -2.19 -36.96
CA ILE A 196 15.94 -3.15 -36.11
C ILE A 196 17.41 -3.09 -36.31
N ALA A 197 18.16 -2.95 -35.22
CA ALA A 197 19.60 -2.81 -35.26
C ALA A 197 20.18 -3.53 -34.09
N GLU A 198 21.31 -4.19 -34.28
CA GLU A 198 21.98 -4.80 -33.16
C GLU A 198 22.55 -3.75 -32.18
N PRO A 199 22.81 -4.16 -30.96
CA PRO A 199 23.27 -3.22 -29.95
C PRO A 199 24.52 -2.41 -30.27
N ALA A 200 25.48 -3.06 -30.95
CA ALA A 200 26.70 -2.41 -31.40
C ALA A 200 26.38 -1.25 -32.39
N ARG A 201 25.42 -1.46 -33.26
CA ARG A 201 25.07 -0.39 -34.23
C ARG A 201 24.35 0.72 -33.52
N ILE A 202 23.51 0.35 -32.56
CA ILE A 202 22.81 1.35 -31.77
C ILE A 202 23.81 2.22 -31.05
N ALA A 203 24.77 1.59 -30.39
CA ALA A 203 25.82 2.31 -29.66
C ALA A 203 26.59 3.24 -30.61
N ALA A 204 26.94 2.74 -31.78
CA ALA A 204 27.69 3.54 -32.74
C ALA A 204 26.94 4.75 -33.37
N GLU A 205 25.62 4.66 -33.52
CA GLU A 205 24.86 5.70 -34.28
C GLU A 205 24.00 6.64 -33.46
N ALA A 206 23.58 6.24 -32.25
CA ALA A 206 22.55 7.02 -31.58
C ALA A 206 23.07 8.33 -31.03
N ASP A 207 22.23 9.35 -31.07
CA ASP A 207 22.37 10.57 -30.31
C ASP A 207 21.86 10.41 -28.86
N VAL A 208 20.78 9.63 -28.72
CA VAL A 208 20.11 9.39 -27.46
C VAL A 208 19.73 7.90 -27.47
N ILE A 209 19.88 7.23 -26.33
CA ILE A 209 19.48 5.81 -26.17
C ILE A 209 18.61 5.69 -24.93
N SER A 210 17.58 4.83 -24.98
CA SER A 210 16.91 4.39 -23.76
C SER A 210 17.03 2.92 -23.64
N THR A 211 17.55 2.42 -22.50
CA THR A 211 17.55 1.04 -22.18
C THR A 211 16.38 0.77 -21.22
N ALA A 212 15.52 -0.16 -21.59
CA ALA A 212 14.38 -0.53 -20.76
C ALA A 212 14.07 -2.00 -20.99
N THR A 213 14.88 -2.84 -20.38
CA THR A 213 14.79 -4.26 -20.53
C THR A 213 14.35 -4.99 -19.25
N SER A 214 13.93 -6.24 -19.44
CA SER A 214 13.75 -7.19 -18.33
C SER A 214 14.92 -8.14 -18.12
N VAL A 215 16.12 -7.64 -18.34
CA VAL A 215 17.28 -8.46 -18.15
C VAL A 215 17.31 -9.00 -16.72
N ALA A 216 17.74 -10.26 -16.56
CA ALA A 216 17.81 -10.85 -15.23
C ALA A 216 18.98 -10.32 -14.45
N VAL A 217 18.90 -10.43 -13.12
CA VAL A 217 20.03 -10.13 -12.23
C VAL A 217 21.33 -10.81 -12.69
N GLY A 218 22.41 -10.05 -12.78
CA GLY A 218 23.74 -10.60 -13.06
C GLY A 218 24.07 -10.78 -14.53
N GLN A 219 23.06 -10.55 -15.39
CA GLN A 219 23.12 -10.82 -16.83
C GLN A 219 23.26 -9.62 -17.76
N GLY A 220 23.53 -8.42 -17.26
CA GLY A 220 23.87 -7.32 -18.17
C GLY A 220 25.30 -7.46 -18.65
N PRO A 221 25.82 -6.47 -19.38
CA PRO A 221 25.10 -5.29 -19.81
C PRO A 221 24.27 -5.65 -21.02
N VAL A 222 23.31 -4.79 -21.34
CA VAL A 222 22.47 -4.96 -22.52
C VAL A 222 22.95 -4.11 -23.69
N LEU A 223 23.87 -3.19 -23.40
CA LEU A 223 24.49 -2.34 -24.42
C LEU A 223 25.96 -2.56 -24.21
N PRO A 224 26.67 -2.99 -25.25
CA PRO A 224 28.05 -3.40 -25.10
C PRO A 224 28.95 -2.20 -24.96
N ASP A 225 30.07 -2.34 -24.24
CA ASP A 225 31.00 -1.22 -24.10
C ASP A 225 31.82 -1.05 -25.35
N THR A 226 31.23 -0.53 -26.40
CA THR A 226 32.01 -0.22 -27.54
C THR A 226 31.97 1.27 -27.86
N GLY A 227 32.05 1.59 -29.14
CA GLY A 227 32.17 2.98 -29.58
C GLY A 227 30.80 3.64 -29.41
N VAL A 228 30.81 4.82 -28.82
CA VAL A 228 29.62 5.68 -28.82
C VAL A 228 29.95 7.05 -29.40
N ARG A 229 28.94 7.78 -29.85
CA ARG A 229 29.14 9.12 -30.23
C ARG A 229 29.44 9.97 -29.01
N GLU A 230 30.27 11.00 -29.21
CA GLU A 230 30.79 11.80 -28.09
C GLU A 230 29.69 12.39 -27.22
N HIS A 231 28.57 12.77 -27.84
CA HIS A 231 27.56 13.52 -27.11
C HIS A 231 26.44 12.64 -26.63
N LEU A 232 26.56 11.33 -26.81
CA LEU A 232 25.45 10.43 -26.46
C LEU A 232 24.91 10.74 -25.08
N HIS A 233 23.58 10.73 -25.01
CA HIS A 233 22.85 10.66 -23.76
C HIS A 233 22.06 9.36 -23.64
N ILE A 234 22.11 8.70 -22.48
CA ILE A 234 21.38 7.46 -22.30
C ILE A 234 20.43 7.63 -21.13
N ASN A 235 19.19 7.27 -21.37
CA ASN A 235 18.18 7.04 -20.29
C ASN A 235 18.17 5.59 -19.91
N ALA A 236 18.76 5.30 -18.73
CA ALA A 236 18.88 3.97 -18.24
C ALA A 236 17.68 3.74 -17.38
N VAL A 237 16.68 3.05 -17.95
CA VAL A 237 15.34 3.00 -17.37
C VAL A 237 15.12 1.68 -16.64
N GLY A 238 15.71 0.62 -17.15
CA GLY A 238 15.46 -0.70 -16.58
C GLY A 238 15.91 -0.80 -15.14
N ALA A 239 15.09 -1.43 -14.29
CA ALA A 239 15.34 -1.51 -12.82
C ALA A 239 14.20 -2.17 -12.03
N ASP A 240 14.63 -3.01 -11.14
CA ASP A 240 13.74 -3.86 -10.40
C ASP A 240 14.56 -4.40 -9.24
N LEU A 241 15.24 -5.51 -9.47
CA LEU A 241 15.98 -6.17 -8.42
C LEU A 241 17.38 -5.56 -8.17
N VAL A 242 17.84 -5.71 -6.95
CA VAL A 242 19.19 -5.34 -6.60
C VAL A 242 19.93 -6.39 -7.38
N GLY A 243 21.04 -6.01 -7.99
CA GLY A 243 21.79 -6.92 -8.81
C GLY A 243 21.41 -6.84 -10.29
N LYS A 244 20.33 -6.13 -10.60
CA LYS A 244 19.95 -5.87 -11.99
C LYS A 244 20.51 -4.55 -12.58
N THR A 245 21.31 -4.70 -13.63
CA THR A 245 21.97 -3.58 -14.29
C THR A 245 21.93 -3.78 -15.79
N GLU A 246 22.00 -2.66 -16.51
CA GLU A 246 21.88 -2.67 -17.95
C GLU A 246 23.11 -2.14 -18.67
N LEU A 247 23.83 -1.23 -18.05
CA LEU A 247 24.98 -0.60 -18.72
C LEU A 247 26.33 -1.16 -18.23
N PRO A 248 27.34 -1.08 -19.11
CA PRO A 248 28.68 -1.51 -18.65
C PRO A 248 29.28 -0.54 -17.63
N LEU A 249 29.93 -1.08 -16.63
CA LEU A 249 30.54 -0.23 -15.62
C LEU A 249 31.46 0.77 -16.31
N GLY A 250 32.24 0.29 -17.26
CA GLY A 250 33.20 1.14 -17.97
C GLY A 250 32.58 2.38 -18.59
N LEU A 251 31.43 2.18 -19.22
CA LEU A 251 30.71 3.28 -19.85
C LEU A 251 30.24 4.31 -18.83
N LEU A 252 29.68 3.80 -17.72
CA LEU A 252 29.20 4.68 -16.67
C LEU A 252 30.30 5.56 -16.15
N GLU A 253 31.51 5.01 -16.08
CA GLU A 253 32.64 5.69 -15.50
C GLU A 253 33.28 6.70 -16.45
N ARG A 254 32.81 6.73 -17.69
CA ARG A 254 33.11 7.82 -18.60
C ARG A 254 32.02 8.91 -18.75
N ALA A 255 30.92 8.77 -17.99
CA ALA A 255 29.71 9.54 -18.21
C ALA A 255 29.50 10.52 -17.06
N PHE A 256 28.79 11.57 -17.40
CA PHE A 256 28.11 12.37 -16.44
C PHE A 256 26.83 11.65 -16.08
N VAL A 257 26.74 11.21 -14.85
CA VAL A 257 25.59 10.43 -14.36
C VAL A 257 24.70 11.19 -13.40
N THR A 258 23.40 11.27 -13.71
CA THR A 258 22.42 11.93 -12.84
C THR A 258 21.30 10.95 -12.52
N ALA A 259 20.97 10.81 -11.25
CA ALA A 259 19.92 9.92 -10.78
C ALA A 259 18.65 10.74 -10.55
N ASP A 260 17.52 10.07 -10.75
CA ASP A 260 16.27 10.67 -10.30
C ASP A 260 16.14 10.79 -8.82
N HIS A 261 16.53 9.73 -8.13
CA HIS A 261 16.33 9.59 -6.71
C HIS A 261 17.64 8.94 -6.22
N PRO A 262 18.63 9.73 -5.80
CA PRO A 262 19.95 9.13 -5.50
C PRO A 262 19.98 7.97 -4.50
N GLU A 263 19.33 8.10 -3.37
CA GLU A 263 19.35 7.01 -2.38
C GLU A 263 18.85 5.71 -3.01
N GLN A 264 17.80 5.80 -3.83
CA GLN A 264 17.23 4.66 -4.47
C GLN A 264 18.17 4.11 -5.55
N ALA A 265 18.66 5.01 -6.39
CA ALA A 265 19.48 4.65 -7.50
C ALA A 265 20.78 3.98 -7.04
N LEU A 266 21.27 4.44 -5.91
CA LEU A 266 22.53 3.92 -5.43
C LEU A 266 22.36 2.48 -4.94
N ARG A 267 21.13 2.06 -4.65
CA ARG A 267 20.83 0.71 -4.21
C ARG A 267 20.31 -0.18 -5.36
N GLU A 268 19.50 0.36 -6.29
CA GLU A 268 18.83 -0.46 -7.30
C GLU A 268 18.85 0.08 -8.73
N GLY A 269 19.48 1.22 -8.94
CA GLY A 269 19.69 1.67 -10.32
C GLY A 269 21.02 1.26 -10.89
N GLU A 270 21.40 1.90 -11.98
CA GLU A 270 22.76 1.69 -12.50
C GLU A 270 23.82 2.09 -11.51
N CYS A 271 23.49 3.06 -10.66
CA CYS A 271 24.35 3.59 -9.65
C CYS A 271 24.66 2.59 -8.54
N GLN A 272 23.96 1.47 -8.52
CA GLN A 272 24.40 0.34 -7.69
C GLN A 272 25.79 -0.16 -8.04
N GLN A 273 26.26 0.05 -9.26
CA GLN A 273 27.63 -0.28 -9.70
C GLN A 273 28.71 0.76 -9.35
N LEU A 274 28.28 1.93 -8.90
CA LEU A 274 29.14 3.11 -8.78
C LEU A 274 29.30 3.48 -7.32
N SER A 275 30.45 4.04 -6.95
CA SER A 275 30.56 4.68 -5.63
C SER A 275 29.98 6.09 -5.79
N ALA A 276 29.47 6.67 -4.71
CA ALA A 276 28.71 7.93 -4.85
C ALA A 276 29.45 9.09 -5.43
N ASP A 277 30.77 9.05 -5.35
CA ASP A 277 31.60 10.13 -5.90
C ASP A 277 31.52 10.16 -7.44
N ARG A 278 31.00 9.13 -8.05
CA ARG A 278 30.96 9.05 -9.51
C ARG A 278 29.58 9.54 -10.09
N LEU A 279 28.74 10.02 -9.19
CA LEU A 279 27.48 10.69 -9.55
C LEU A 279 27.66 12.19 -9.63
N GLY A 280 27.06 12.78 -10.67
CA GLY A 280 26.83 14.20 -10.72
C GLY A 280 25.62 14.63 -9.91
N PRO A 281 25.27 15.93 -9.98
CA PRO A 281 24.06 16.41 -9.25
C PRO A 281 22.80 15.73 -9.78
N GLN A 282 21.82 15.48 -8.91
CA GLN A 282 20.61 14.71 -9.24
C GLN A 282 19.66 15.47 -10.19
N LEU A 283 18.75 14.74 -10.80
CA LEU A 283 17.89 15.38 -11.79
C LEU A 283 17.18 16.67 -11.29
N ALA A 284 16.68 16.67 -10.07
CA ALA A 284 15.96 17.83 -9.53
C ALA A 284 16.87 19.06 -9.50
N HIS A 285 18.16 18.86 -9.23
CA HIS A 285 19.11 19.97 -9.21
C HIS A 285 19.24 20.59 -10.59
N LEU A 286 19.35 19.73 -11.60
CA LEU A 286 19.44 20.11 -12.97
C LEU A 286 18.21 20.84 -13.48
N CYS A 287 17.04 20.39 -13.06
CA CYS A 287 15.78 21.05 -13.40
C CYS A 287 15.70 22.44 -12.81
N ALA A 288 16.14 22.58 -11.58
CA ALA A 288 16.07 23.88 -10.91
C ALA A 288 17.14 24.84 -11.41
N ASP A 289 18.26 24.32 -11.85
CA ASP A 289 19.39 25.17 -12.32
C ASP A 289 19.99 24.51 -13.49
N PRO A 290 19.39 24.73 -14.64
CA PRO A 290 19.80 24.01 -15.79
C PRO A 290 21.25 24.38 -16.19
N ALA A 291 21.76 25.53 -15.76
CA ALA A 291 23.16 25.89 -16.00
C ALA A 291 24.11 24.82 -15.50
N ALA A 292 23.72 24.12 -14.41
CA ALA A 292 24.38 22.93 -13.92
C ALA A 292 24.56 21.83 -14.98
N ALA A 293 23.82 21.92 -16.09
CA ALA A 293 23.91 20.88 -17.10
C ALA A 293 24.89 21.39 -18.16
N ALA A 294 25.48 22.56 -17.89
CA ALA A 294 26.30 23.22 -18.93
C ALA A 294 27.40 22.27 -19.45
N GLY A 295 27.43 22.15 -20.77
CA GLY A 295 28.49 21.42 -21.43
C GLY A 295 28.24 19.95 -21.43
N ARG A 296 27.21 19.51 -20.70
CA ARG A 296 26.95 18.06 -20.61
C ARG A 296 26.26 17.45 -21.78
N GLN A 297 25.60 18.27 -22.61
CA GLN A 297 25.00 17.76 -23.81
C GLN A 297 26.05 17.22 -24.77
N ASP A 298 27.23 17.85 -24.79
CA ASP A 298 28.22 17.53 -25.79
C ASP A 298 29.15 16.39 -25.45
N THR A 299 29.04 15.88 -24.23
CA THR A 299 29.80 14.70 -23.82
C THR A 299 28.84 13.62 -23.31
N LEU A 300 29.37 12.44 -22.96
CA LEU A 300 28.55 11.30 -22.55
C LEU A 300 27.83 11.56 -21.26
N SER A 301 26.49 11.31 -21.26
CA SER A 301 25.68 11.48 -20.08
C SER A 301 24.76 10.26 -19.91
N VAL A 302 24.43 9.96 -18.65
CA VAL A 302 23.49 8.93 -18.30
C VAL A 302 22.48 9.46 -17.28
N PHE A 303 21.19 9.35 -17.61
CA PHE A 303 20.11 9.49 -16.64
C PHE A 303 19.75 8.11 -16.06
N ASP A 304 20.01 7.93 -14.78
CA ASP A 304 19.71 6.69 -14.08
C ASP A 304 18.30 6.86 -13.51
N SER A 305 17.33 6.28 -14.23
CA SER A 305 15.93 6.34 -13.88
C SER A 305 15.53 5.12 -13.09
N THR A 306 14.87 5.34 -11.94
CA THR A 306 14.34 4.23 -11.13
C THR A 306 12.82 4.29 -10.88
N GLY A 307 12.28 5.49 -10.88
CA GLY A 307 10.83 5.74 -10.71
C GLY A 307 10.56 6.02 -9.26
N PHE A 308 9.78 7.08 -8.97
CA PHE A 308 9.38 7.35 -7.62
C PHE A 308 8.00 7.94 -7.57
N ALA A 309 7.40 7.82 -6.41
CA ALA A 309 5.97 8.01 -6.30
C ALA A 309 5.46 9.42 -6.60
N PHE A 310 6.31 10.44 -6.35
CA PHE A 310 5.97 11.81 -6.71
C PHE A 310 5.61 11.92 -8.17
N GLU A 311 6.33 11.17 -8.99
CA GLU A 311 6.05 11.17 -10.44
C GLU A 311 4.66 10.64 -10.73
N ASP A 312 4.29 9.59 -10.01
CA ASP A 312 2.97 8.97 -10.14
C ASP A 312 1.89 9.93 -9.67
N ALA A 313 2.14 10.66 -8.58
CA ALA A 313 1.16 11.60 -8.01
C ALA A 313 0.86 12.72 -9.03
N LEU A 314 1.92 13.26 -9.65
CA LEU A 314 1.74 14.32 -10.66
C LEU A 314 1.02 13.87 -11.88
N ALA A 315 1.38 12.68 -12.38
CA ALA A 315 0.70 12.11 -13.51
C ALA A 315 -0.78 11.82 -13.16
N MET A 316 -1.03 11.32 -11.97
CA MET A 316 -2.39 11.04 -11.59
C MET A 316 -3.25 12.31 -11.60
N GLU A 317 -2.71 13.44 -11.13
CA GLU A 317 -3.45 14.70 -11.12
C GLU A 317 -3.79 15.12 -12.53
N VAL A 318 -2.89 14.89 -13.48
CA VAL A 318 -3.22 15.22 -14.90
C VAL A 318 -4.43 14.42 -15.38
N PHE A 319 -4.42 13.13 -15.05
CA PHE A 319 -5.53 12.24 -15.37
C PHE A 319 -6.82 12.65 -14.67
N LEU A 320 -6.76 12.92 -13.36
CA LEU A 320 -7.95 13.35 -12.60
C LEU A 320 -8.54 14.64 -13.12
N GLU A 321 -7.69 15.61 -13.46
CA GLU A 321 -8.17 16.86 -14.04
C GLU A 321 -8.91 16.63 -15.37
N ALA A 322 -8.37 15.78 -16.22
CA ALA A 322 -8.96 15.54 -17.51
C ALA A 322 -10.28 14.71 -17.37
N ALA A 323 -10.30 13.84 -16.38
CA ALA A 323 -11.47 13.02 -16.12
C ALA A 323 -12.59 13.83 -15.51
N ALA A 324 -12.23 14.83 -14.72
CA ALA A 324 -13.21 15.74 -14.14
C ALA A 324 -13.85 16.61 -15.24
N GLU A 325 -13.06 17.06 -16.18
CA GLU A 325 -13.61 17.90 -17.25
C GLU A 325 -14.58 17.12 -18.13
N ARG A 326 -14.26 15.84 -18.36
CA ARG A 326 -14.98 14.99 -19.29
C ARG A 326 -15.99 14.06 -18.69
N ASP A 327 -16.25 14.21 -17.40
CA ASP A 327 -17.27 13.46 -16.71
C ASP A 327 -17.04 11.96 -16.72
N LEU A 328 -15.81 11.54 -16.45
CA LEU A 328 -15.47 10.12 -16.56
C LEU A 328 -15.36 9.47 -15.18
N GLY A 329 -15.37 8.15 -15.16
CA GLY A 329 -15.13 7.36 -13.92
C GLY A 329 -16.44 7.03 -13.22
N ILE A 330 -16.38 6.16 -12.23
CA ILE A 330 -17.54 5.78 -11.47
C ILE A 330 -17.24 6.18 -10.04
N ARG A 331 -18.30 6.37 -9.26
CA ARG A 331 -18.18 6.63 -7.82
C ARG A 331 -18.63 5.41 -7.05
N VAL A 332 -17.71 4.81 -6.27
CA VAL A 332 -17.97 3.60 -5.48
C VAL A 332 -17.74 3.81 -3.98
N GLY A 333 -18.77 3.56 -3.19
CA GLY A 333 -18.66 3.62 -1.75
C GLY A 333 -17.99 2.35 -1.27
N ILE A 334 -16.68 2.39 -1.16
CA ILE A 334 -15.87 1.22 -0.80
C ILE A 334 -15.74 1.09 0.72
N GLU A 335 -15.22 2.12 1.35
CA GLU A 335 -15.09 2.17 2.82
C GLU A 335 -16.46 2.26 3.46
N HIS A 336 -16.58 1.56 4.60
CA HIS A 336 -17.73 1.66 5.45
C HIS A 336 -17.55 2.89 6.33
N HIS A 337 -18.48 3.83 6.19
CA HIS A 337 -18.56 5.02 7.03
C HIS A 337 -19.86 4.97 7.83
N PRO A 338 -19.83 4.31 9.01
CA PRO A 338 -21.11 4.12 9.70
C PRO A 338 -21.74 5.43 10.14
N GLY A 339 -23.07 5.49 10.16
CA GLY A 339 -23.77 6.73 10.50
C GLY A 339 -23.39 7.17 11.91
N ASP A 340 -23.02 6.22 12.74
CA ASP A 340 -22.47 6.54 14.04
C ASP A 340 -21.01 6.09 13.97
N ALA A 341 -20.09 7.05 14.05
CA ALA A 341 -18.64 6.78 13.80
C ALA A 341 -18.03 5.80 14.81
N LEU A 342 -18.71 5.66 15.93
CA LEU A 342 -18.30 4.75 16.98
C LEU A 342 -18.96 3.39 16.96
N ASP A 343 -19.70 3.06 15.91
CA ASP A 343 -20.42 1.82 15.80
C ASP A 343 -20.14 1.09 14.49
N PRO A 344 -19.19 0.18 14.51
CA PRO A 344 -18.85 -0.61 13.32
C PRO A 344 -20.05 -1.32 12.77
N TYR A 345 -21.04 -1.63 13.61
CA TYR A 345 -22.22 -2.38 13.09
C TYR A 345 -23.38 -1.49 12.58
N ALA A 346 -23.21 -0.18 12.60
CA ALA A 346 -24.23 0.71 11.98
C ALA A 346 -24.12 0.67 10.45
N LEU A 347 -24.65 -0.41 9.89
CA LEU A 347 -24.39 -0.81 8.53
C LEU A 347 -25.66 -0.44 7.73
N GLN A 348 -25.53 0.03 6.50
CA GLN A 348 -26.74 0.27 5.72
C GLN A 348 -26.78 -0.60 4.48
N PRO A 349 -27.80 -1.46 4.36
CA PRO A 349 -27.89 -2.37 3.24
C PRO A 349 -28.31 -1.67 1.96
N LEU A 350 -28.35 -2.43 0.87
CA LEU A 350 -28.79 -1.91 -0.42
C LEU A 350 -30.28 -1.53 -0.21
N PRO A 351 -30.68 -0.26 -0.48
CA PRO A 351 -32.13 0.04 -0.42
C PRO A 351 -32.98 -0.91 -1.27
N LEU A 352 -34.23 -1.07 -0.86
CA LEU A 352 -35.16 -1.93 -1.55
C LEU A 352 -35.63 -1.20 -2.79
N PRO A 353 -35.78 -1.94 -3.91
CA PRO A 353 -36.48 -1.30 -5.04
C PRO A 353 -37.90 -0.79 -4.68
N LEU A 354 -38.40 0.19 -5.40
CA LEU A 354 -39.81 0.57 -5.26
C LEU A 354 -40.64 -0.53 -5.96
N ALA A 355 -41.60 -1.11 -5.25
CA ALA A 355 -42.46 -2.17 -5.81
C ALA A 355 -43.58 -1.59 -6.67
N MET B 5 -8.68 -10.44 -15.13
CA MET B 5 -9.45 -9.65 -16.12
C MET B 5 -10.04 -8.42 -15.47
N GLU B 6 -10.73 -8.60 -14.33
CA GLU B 6 -11.39 -7.53 -13.61
C GLU B 6 -11.05 -7.55 -12.10
N THR B 7 -11.41 -6.45 -11.43
CA THR B 7 -11.23 -6.41 -9.98
C THR B 7 -12.62 -6.54 -9.35
N TRP B 8 -12.69 -7.43 -8.36
CA TRP B 8 -13.92 -7.57 -7.61
C TRP B 8 -13.89 -6.63 -6.42
N VAL B 9 -14.85 -5.74 -6.40
CA VAL B 9 -14.90 -4.72 -5.37
C VAL B 9 -16.11 -4.95 -4.46
N LEU B 10 -15.86 -5.08 -3.16
CA LEU B 10 -16.92 -5.17 -2.16
C LEU B 10 -17.00 -3.90 -1.29
N GLY B 11 -18.07 -3.13 -1.47
CA GLY B 11 -18.21 -1.83 -0.82
C GLY B 11 -19.02 -1.91 0.45
N ARG B 12 -19.38 -0.76 0.95
CA ARG B 12 -20.08 -0.57 2.19
C ARG B 12 -21.45 -1.31 2.13
N ARG B 13 -22.12 -1.32 0.99
CA ARG B 13 -23.46 -1.94 0.94
C ARG B 13 -23.34 -3.47 0.94
N ASP B 14 -22.27 -3.93 0.31
CA ASP B 14 -21.96 -5.36 0.21
C ASP B 14 -21.49 -5.94 1.53
N VAL B 15 -20.69 -5.18 2.30
CA VAL B 15 -20.31 -5.74 3.60
C VAL B 15 -21.53 -5.77 4.53
N ALA B 16 -22.43 -4.79 4.43
CA ALA B 16 -23.71 -4.82 5.17
C ALA B 16 -24.46 -6.12 4.83
N GLU B 17 -24.49 -6.44 3.58
CA GLU B 17 -25.25 -7.59 3.08
C GLU B 17 -24.58 -8.91 3.51
N VAL B 18 -23.26 -8.95 3.61
CA VAL B 18 -22.56 -10.05 4.24
C VAL B 18 -22.94 -10.28 5.68
N VAL B 19 -23.02 -9.22 6.49
CA VAL B 19 -23.26 -9.38 7.91
C VAL B 19 -24.71 -9.87 8.07
N ALA B 20 -25.60 -9.37 7.22
CA ALA B 20 -27.02 -9.81 7.28
C ALA B 20 -27.19 -11.27 6.91
N ALA B 21 -26.46 -11.69 5.88
CA ALA B 21 -26.61 -13.02 5.31
C ALA B 21 -26.03 -14.04 6.30
N VAL B 22 -24.94 -13.69 6.95
CA VAL B 22 -24.25 -14.62 7.80
C VAL B 22 -24.81 -14.53 9.22
N GLY B 23 -25.11 -13.30 9.67
CA GLY B 23 -25.52 -13.05 11.06
C GLY B 23 -24.29 -12.50 11.81
N ARG B 24 -24.49 -11.51 12.67
CA ARG B 24 -23.36 -10.92 13.38
C ARG B 24 -22.60 -11.95 14.20
N ASP B 25 -23.31 -12.78 14.99
CA ASP B 25 -22.60 -13.74 15.86
C ASP B 25 -21.82 -14.74 15.03
N GLU B 26 -22.45 -15.26 13.97
CA GLU B 26 -21.83 -16.33 13.18
C GLU B 26 -20.60 -15.82 12.43
N LEU B 27 -20.67 -14.58 11.95
CA LEU B 27 -19.56 -14.00 11.18
C LEU B 27 -18.36 -13.82 12.11
N MET B 28 -18.62 -13.31 13.31
CA MET B 28 -17.61 -13.21 14.35
C MET B 28 -17.01 -14.55 14.71
N ARG B 29 -17.86 -15.56 14.87
CA ARG B 29 -17.33 -16.89 15.18
C ARG B 29 -16.46 -17.44 14.06
N ARG B 30 -16.88 -17.21 12.83
CA ARG B 30 -16.14 -17.65 11.66
C ARG B 30 -14.77 -17.02 11.67
N ILE B 31 -14.71 -15.73 12.00
CA ILE B 31 -13.44 -15.05 12.03
C ILE B 31 -12.58 -15.57 13.17
N ILE B 32 -13.19 -15.70 14.36
CA ILE B 32 -12.48 -16.28 15.49
C ILE B 32 -11.86 -17.64 15.15
N ASP B 33 -12.63 -18.51 14.51
CA ASP B 33 -12.15 -19.83 14.11
C ASP B 33 -11.02 -19.77 13.08
N ARG B 34 -11.14 -18.93 12.04
CA ARG B 34 -10.05 -18.84 11.08
C ARG B 34 -8.79 -18.28 11.69
N LEU B 35 -8.94 -17.31 12.55
CA LEU B 35 -7.80 -16.76 13.22
C LEU B 35 -7.10 -17.75 14.16
N THR B 36 -7.88 -18.48 14.92
CA THR B 36 -7.29 -19.54 15.77
C THR B 36 -6.43 -20.50 14.92
N GLY B 37 -7.02 -21.00 13.85
CA GLY B 37 -6.34 -21.97 12.98
C GLY B 37 -5.10 -21.41 12.34
N GLY B 38 -5.22 -20.19 11.82
CA GLY B 38 -4.08 -19.52 11.23
C GLY B 38 -2.94 -19.20 12.15
N LEU B 39 -3.26 -18.66 13.35
CA LEU B 39 -2.24 -18.49 14.37
C LEU B 39 -1.51 -19.83 14.73
N ALA B 40 -2.26 -20.91 14.81
CA ALA B 40 -1.71 -22.23 15.14
C ALA B 40 -0.69 -22.67 14.07
N GLU B 41 -1.01 -22.38 12.81
CA GLU B 41 -0.08 -22.62 11.66
C GLU B 41 1.21 -21.91 11.83
N ILE B 42 1.15 -20.62 12.20
CA ILE B 42 2.30 -19.86 12.51
C ILE B 42 3.04 -20.48 13.66
N GLY B 43 2.33 -20.84 14.70
CA GLY B 43 2.97 -21.44 15.91
C GLY B 43 3.69 -22.76 15.60
N ARG B 44 3.20 -23.51 14.61
CA ARG B 44 3.90 -24.70 14.13
C ARG B 44 4.98 -24.47 13.09
N GLY B 45 5.14 -23.22 12.65
CA GLY B 45 6.16 -22.86 11.64
C GLY B 45 5.73 -23.14 10.21
N GLU B 46 4.45 -23.36 9.98
CA GLU B 46 3.93 -23.62 8.67
C GLU B 46 3.63 -22.32 7.89
N ARG B 47 3.38 -21.22 8.61
CA ARG B 47 3.15 -19.90 8.00
C ARG B 47 3.96 -18.93 8.84
N HIS B 48 4.19 -17.72 8.32
CA HIS B 48 5.03 -16.73 9.02
C HIS B 48 4.25 -15.48 9.43
N LEU B 49 4.73 -14.82 10.47
CA LEU B 49 4.18 -13.55 10.92
C LEU B 49 4.41 -12.60 9.77
N SER B 50 3.46 -11.74 9.51
CA SER B 50 3.67 -10.63 8.59
C SER B 50 4.95 -9.81 8.86
N PRO B 51 5.53 -9.19 7.80
CA PRO B 51 6.67 -8.35 8.04
C PRO B 51 6.26 -7.07 8.79
N LEU B 52 7.21 -6.43 9.42
CA LEU B 52 6.89 -5.18 10.11
C LEU B 52 6.29 -4.20 9.10
N ARG B 53 5.36 -3.38 9.58
CA ARG B 53 4.55 -2.56 8.69
C ARG B 53 5.18 -1.19 8.58
N GLY B 54 4.74 -0.40 7.60
CA GLY B 54 5.31 0.94 7.38
C GLY B 54 4.26 2.00 7.64
N GLY B 55 4.69 3.25 7.77
CA GLY B 55 3.75 4.29 8.11
C GLY B 55 4.25 5.70 7.89
N LEU B 56 3.30 6.62 7.77
CA LEU B 56 3.57 8.06 7.64
C LEU B 56 2.86 8.74 8.80
N GLU B 57 3.60 9.51 9.59
CA GLU B 57 3.01 10.27 10.70
C GLU B 57 2.30 11.49 10.22
N ARG B 58 1.21 11.84 10.89
CA ARG B 58 0.46 13.04 10.48
C ARG B 58 0.21 13.84 11.74
N SER B 59 0.45 15.13 11.67
CA SER B 59 0.31 15.98 12.89
C SER B 59 -1.02 16.68 13.03
N GLU B 60 -1.75 16.89 11.93
CA GLU B 60 -3.00 17.67 11.97
C GLU B 60 -4.22 16.80 11.64
N PRO B 61 -5.38 17.04 12.27
CA PRO B 61 -5.62 18.05 13.32
C PRO B 61 -5.04 17.66 14.67
N VAL B 62 -4.83 16.37 14.87
CA VAL B 62 -4.19 15.83 16.05
C VAL B 62 -3.27 14.74 15.54
N PRO B 63 -2.27 14.34 16.36
CA PRO B 63 -1.36 13.36 15.82
C PRO B 63 -2.02 12.03 15.46
N GLY B 64 -1.70 11.55 14.26
CA GLY B 64 -2.12 10.23 13.81
C GLY B 64 -1.09 9.57 12.96
N ILE B 65 -1.50 8.52 12.29
CA ILE B 65 -0.61 7.85 11.40
C ILE B 65 -1.39 7.09 10.34
N TRP B 66 -0.78 6.97 9.16
CA TRP B 66 -1.32 6.18 8.09
C TRP B 66 -0.31 5.11 7.68
N GLU B 67 -0.80 3.89 7.59
CA GLU B 67 0.06 2.70 7.54
C GLU B 67 -0.31 1.79 6.42
N TRP B 68 0.72 1.10 5.90
CA TRP B 68 0.52 0.02 4.95
C TRP B 68 0.99 -1.28 5.59
N MET B 69 0.15 -2.33 5.41
CA MET B 69 0.36 -3.59 6.09
C MET B 69 0.25 -4.73 5.08
N PRO B 70 1.41 -5.18 4.58
CA PRO B 70 1.47 -6.32 3.64
C PRO B 70 1.60 -7.68 4.30
N HIS B 71 0.94 -8.66 3.67
CA HIS B 71 1.12 -10.10 3.95
C HIS B 71 1.12 -10.92 2.65
N ARG B 72 2.22 -11.64 2.43
CA ARG B 72 2.36 -12.49 1.25
C ARG B 72 2.11 -13.96 1.57
N GLU B 73 1.27 -14.61 0.79
CA GLU B 73 1.30 -16.07 0.78
C GLU B 73 2.05 -16.52 -0.51
N PRO B 74 3.33 -16.88 -0.40
CA PRO B 74 4.03 -17.07 -1.68
C PRO B 74 3.27 -18.00 -2.58
N GLY B 75 2.86 -17.53 -3.76
CA GLY B 75 2.23 -18.36 -4.78
C GLY B 75 0.74 -18.22 -4.96
N ASP B 76 0.00 -17.66 -4.01
CA ASP B 76 -1.44 -17.41 -4.21
C ASP B 76 -1.60 -15.87 -4.36
N HIS B 77 -1.40 -15.14 -3.26
CA HIS B 77 -1.74 -13.72 -3.27
C HIS B 77 -1.01 -12.92 -2.22
N ILE B 78 -1.04 -11.61 -2.43
CA ILE B 78 -0.46 -10.65 -1.51
C ILE B 78 -1.66 -9.81 -1.04
N THR B 79 -1.75 -9.63 0.27
CA THR B 79 -2.78 -8.78 0.86
C THR B 79 -2.06 -7.51 1.31
N LEU B 80 -2.67 -6.38 0.99
CA LEU B 80 -2.21 -5.09 1.51
C LEU B 80 -3.39 -4.34 2.17
N LYS B 81 -3.28 -4.06 3.48
CA LYS B 81 -4.23 -3.16 4.16
C LYS B 81 -3.62 -1.77 4.21
N THR B 82 -4.40 -0.79 3.79
CA THR B 82 -4.03 0.59 3.94
C THR B 82 -4.97 1.18 4.94
N VAL B 83 -4.46 1.78 5.99
CA VAL B 83 -5.34 2.13 7.11
C VAL B 83 -4.79 3.38 7.80
N GLY B 84 -5.70 4.30 8.11
CA GLY B 84 -5.38 5.46 8.91
C GLY B 84 -5.88 5.29 10.31
N TYR B 85 -5.16 5.93 11.21
CA TYR B 85 -5.55 6.24 12.57
C TYR B 85 -5.54 7.77 12.73
N SER B 86 -6.74 8.30 12.89
CA SER B 86 -6.98 9.76 12.82
C SER B 86 -8.01 10.04 13.93
N PRO B 87 -7.52 10.15 15.16
CA PRO B 87 -8.46 10.15 16.28
C PRO B 87 -9.38 11.34 16.43
N ALA B 88 -9.19 12.37 15.64
CA ALA B 88 -10.18 13.50 15.58
C ALA B 88 -11.31 13.20 14.60
N ASN B 89 -11.22 12.11 13.83
CA ASN B 89 -12.24 11.83 12.81
C ASN B 89 -13.69 11.84 13.37
N PRO B 90 -13.96 11.13 14.49
CA PRO B 90 -15.38 11.08 14.90
C PRO B 90 -15.98 12.44 15.25
N ALA B 91 -15.25 13.21 16.06
CA ALA B 91 -15.73 14.51 16.52
C ALA B 91 -15.67 15.61 15.45
N ARG B 92 -14.69 15.56 14.53
CA ARG B 92 -14.60 16.61 13.48
C ARG B 92 -15.32 16.31 12.20
N PHE B 93 -15.38 15.04 11.85
CA PHE B 93 -15.82 14.62 10.54
C PHE B 93 -16.94 13.63 10.53
N GLY B 94 -17.34 13.10 11.67
CA GLY B 94 -18.33 12.01 11.69
C GLY B 94 -17.83 10.74 10.99
N LEU B 95 -16.51 10.56 10.92
CA LEU B 95 -15.88 9.39 10.38
C LEU B 95 -15.15 8.55 11.45
N PRO B 96 -15.05 7.23 11.25
CA PRO B 96 -14.31 6.43 12.20
C PRO B 96 -12.84 6.83 12.30
N THR B 97 -12.28 6.72 13.49
CA THR B 97 -10.85 6.91 13.69
C THR B 97 -10.03 6.06 12.76
N ILE B 98 -10.43 4.80 12.63
CA ILE B 98 -9.70 3.81 11.86
C ILE B 98 -10.45 3.70 10.54
N LEU B 99 -9.80 4.12 9.45
CA LEU B 99 -10.44 4.21 8.16
C LEU B 99 -9.48 3.51 7.23
N GLY B 100 -9.93 2.44 6.62
CA GLY B 100 -9.06 1.68 5.72
C GLY B 100 -9.75 0.80 4.72
N THR B 101 -8.90 0.23 3.88
CA THR B 101 -9.29 -0.73 2.86
C THR B 101 -8.25 -1.86 2.78
N VAL B 102 -8.71 -2.98 2.22
CA VAL B 102 -7.89 -4.14 2.07
C VAL B 102 -7.97 -4.64 0.62
N ALA B 103 -6.79 -4.85 0.06
CA ALA B 103 -6.66 -5.20 -1.35
C ALA B 103 -5.96 -6.54 -1.44
N ARG B 104 -6.31 -7.31 -2.49
CA ARG B 104 -5.69 -8.58 -2.77
C ARG B 104 -5.07 -8.53 -4.16
N TYR B 105 -3.82 -8.94 -4.26
CA TYR B 105 -3.08 -9.01 -5.56
C TYR B 105 -2.56 -10.43 -5.80
N ASP B 106 -2.64 -10.92 -7.04
CA ASP B 106 -2.03 -12.23 -7.40
C ASP B 106 -0.51 -12.26 -7.23
N ASP B 107 0.07 -13.23 -6.53
CA ASP B 107 1.49 -13.20 -6.21
C ASP B 107 2.20 -13.44 -7.53
N THR B 108 1.56 -14.13 -8.45
CA THR B 108 2.37 -14.66 -9.56
C THR B 108 2.59 -13.60 -10.62
N THR B 109 1.48 -12.96 -10.99
CA THR B 109 1.40 -11.89 -11.93
C THR B 109 1.38 -10.43 -11.38
N GLY B 110 1.06 -10.23 -10.09
CA GLY B 110 0.88 -8.87 -9.53
C GLY B 110 -0.45 -8.17 -9.73
N ALA B 111 -1.36 -8.80 -10.43
CA ALA B 111 -2.62 -8.16 -10.71
C ALA B 111 -3.50 -7.92 -9.44
N LEU B 112 -4.28 -6.84 -9.46
CA LEU B 112 -5.25 -6.52 -8.37
C LEU B 112 -6.57 -7.27 -8.57
N THR B 113 -6.79 -8.30 -7.76
CA THR B 113 -7.99 -9.12 -7.97
C THR B 113 -9.18 -8.78 -7.06
N ALA B 114 -8.92 -8.23 -5.88
CA ALA B 114 -10.06 -7.78 -5.07
C ALA B 114 -9.70 -6.61 -4.13
N LEU B 115 -10.73 -5.84 -3.82
CA LEU B 115 -10.64 -4.66 -3.00
C LEU B 115 -11.90 -4.49 -2.17
N MET B 116 -11.75 -4.30 -0.86
CA MET B 116 -12.90 -4.16 -0.03
C MET B 116 -12.71 -3.16 1.11
N ASP B 117 -13.81 -2.82 1.75
CA ASP B 117 -13.77 -2.05 3.01
C ASP B 117 -12.82 -2.68 4.04
N GLY B 118 -12.07 -1.86 4.79
CA GLY B 118 -11.25 -2.33 5.91
C GLY B 118 -11.80 -1.95 7.30
N VAL B 119 -12.85 -1.12 7.33
CA VAL B 119 -13.34 -0.57 8.60
C VAL B 119 -14.01 -1.67 9.39
N LEU B 120 -15.04 -2.33 8.82
CA LEU B 120 -15.71 -3.42 9.55
C LEU B 120 -14.76 -4.54 9.82
N LEU B 121 -14.08 -4.95 8.75
CA LEU B 121 -13.13 -6.04 8.83
C LEU B 121 -12.12 -5.84 9.96
N THR B 122 -11.58 -4.64 10.10
CA THR B 122 -10.58 -4.38 11.15
C THR B 122 -11.24 -4.57 12.54
N ALA B 123 -12.40 -3.96 12.70
CA ALA B 123 -13.09 -4.09 14.01
C ALA B 123 -13.37 -5.56 14.32
N LEU B 124 -13.82 -6.33 13.34
CA LEU B 124 -14.12 -7.74 13.60
C LEU B 124 -12.88 -8.57 13.95
N ARG B 125 -11.83 -8.49 13.15
CA ARG B 125 -10.63 -9.29 13.44
C ARG B 125 -9.93 -8.88 14.71
N THR B 126 -10.05 -7.61 15.11
CA THR B 126 -9.48 -7.12 16.34
C THR B 126 -10.29 -7.64 17.57
N GLY B 127 -11.62 -7.62 17.48
CA GLY B 127 -12.44 -8.27 18.50
C GLY B 127 -12.05 -9.74 18.55
N ALA B 128 -11.95 -10.35 17.38
CA ALA B 128 -11.66 -11.77 17.32
C ALA B 128 -10.36 -12.14 17.97
N ALA B 129 -9.33 -11.35 17.68
CA ALA B 129 -8.04 -11.63 18.24
C ALA B 129 -8.10 -11.61 19.78
N SER B 130 -8.81 -10.64 20.37
CA SER B 130 -9.01 -10.62 21.81
C SER B 130 -9.78 -11.83 22.30
N ALA B 131 -10.73 -12.31 21.54
CA ALA B 131 -11.48 -13.54 21.92
C ALA B 131 -10.59 -14.77 21.91
N VAL B 132 -9.74 -14.87 20.91
CA VAL B 132 -8.70 -15.89 20.89
C VAL B 132 -7.84 -15.90 22.12
N ALA B 133 -7.28 -14.74 22.49
CA ALA B 133 -6.43 -14.63 23.64
C ALA B 133 -7.17 -14.87 24.95
N SER B 134 -8.42 -14.42 24.99
CA SER B 134 -9.22 -14.49 26.21
C SER B 134 -9.77 -15.86 26.47
N ARG B 135 -9.99 -16.66 25.43
CA ARG B 135 -10.39 -18.00 25.64
C ARG B 135 -9.26 -18.81 26.31
N LEU B 136 -8.03 -18.49 25.96
CA LEU B 136 -6.84 -19.07 26.58
C LEU B 136 -6.51 -18.55 27.94
N LEU B 137 -6.73 -17.25 28.18
CA LEU B 137 -6.17 -16.59 29.32
C LEU B 137 -7.13 -15.98 30.33
N ALA B 138 -8.44 -15.96 30.01
CA ALA B 138 -9.42 -15.43 30.97
C ALA B 138 -10.03 -16.63 31.64
N ARG B 139 -10.53 -16.44 32.83
CA ARG B 139 -11.25 -17.50 33.45
C ARG B 139 -12.46 -17.79 32.60
N PRO B 140 -12.73 -19.08 32.34
CA PRO B 140 -13.87 -19.50 31.52
C PRO B 140 -15.23 -19.13 32.09
N ASP B 141 -15.27 -18.84 33.38
CA ASP B 141 -16.47 -18.39 34.04
C ASP B 141 -16.48 -16.89 34.27
N SER B 142 -15.66 -16.16 33.51
CA SER B 142 -15.62 -14.70 33.62
C SER B 142 -17.03 -14.13 33.36
N HIS B 143 -17.52 -13.27 34.26
CA HIS B 143 -18.85 -12.67 34.08
C HIS B 143 -18.84 -11.15 33.90
N THR B 144 -17.79 -10.49 34.34
CA THR B 144 -17.69 -9.03 34.30
C THR B 144 -16.58 -8.57 33.38
N LEU B 145 -16.96 -7.89 32.30
CA LEU B 145 -16.00 -7.27 31.37
C LEU B 145 -15.80 -5.83 31.74
N GLY B 146 -14.54 -5.39 31.76
CA GLY B 146 -14.16 -3.98 31.82
C GLY B 146 -13.73 -3.41 30.46
N LEU B 147 -14.19 -2.20 30.13
CA LEU B 147 -13.74 -1.50 28.90
C LEU B 147 -13.23 -0.08 29.20
N ILE B 148 -11.98 0.20 28.84
CA ILE B 148 -11.42 1.53 28.94
C ILE B 148 -11.30 1.99 27.49
N GLY B 149 -11.98 3.07 27.14
CA GLY B 149 -12.19 3.45 25.79
C GLY B 149 -13.47 2.80 25.28
N THR B 150 -14.47 3.61 24.94
CA THR B 150 -15.73 3.06 24.48
C THR B 150 -16.03 3.58 23.08
N GLY B 151 -15.04 3.54 22.22
CA GLY B 151 -15.24 3.96 20.84
C GLY B 151 -15.59 2.75 20.00
N ALA B 152 -15.14 2.74 18.74
CA ALA B 152 -15.51 1.72 17.79
C ALA B 152 -14.94 0.29 18.17
N GLN B 153 -13.67 0.19 18.54
CA GLN B 153 -13.13 -1.15 18.88
C GLN B 153 -13.84 -1.75 20.07
N ALA B 154 -14.23 -0.92 21.04
CA ALA B 154 -14.90 -1.45 22.21
C ALA B 154 -16.16 -2.25 21.90
N VAL B 155 -16.88 -1.85 20.86
CA VAL B 155 -18.07 -2.55 20.46
C VAL B 155 -17.76 -3.98 20.09
N THR B 156 -16.75 -4.18 19.24
CA THR B 156 -16.47 -5.57 18.81
C THR B 156 -15.63 -6.31 19.84
N GLN B 157 -14.93 -5.60 20.72
CA GLN B 157 -14.31 -6.25 21.91
C GLN B 157 -15.42 -6.90 22.74
N LEU B 158 -16.43 -6.13 23.06
CA LEU B 158 -17.53 -6.69 23.87
C LEU B 158 -18.18 -7.85 23.09
N HIS B 159 -18.51 -7.62 21.83
CA HIS B 159 -19.17 -8.62 21.05
C HIS B 159 -18.40 -9.94 21.02
N ALA B 160 -17.15 -9.88 20.58
CA ALA B 160 -16.35 -11.08 20.47
C ALA B 160 -16.23 -11.78 21.82
N LEU B 161 -15.99 -11.01 22.90
CA LEU B 161 -15.76 -11.64 24.21
C LEU B 161 -17.04 -12.28 24.74
N SER B 162 -18.16 -11.65 24.43
CA SER B 162 -19.50 -12.15 24.85
C SER B 162 -19.77 -13.49 24.23
N LEU B 163 -19.04 -13.82 23.13
CA LEU B 163 -19.21 -15.09 22.43
C LEU B 163 -18.30 -16.22 22.96
N VAL B 164 -17.26 -15.88 23.71
CA VAL B 164 -16.39 -16.93 24.22
C VAL B 164 -16.42 -17.00 25.74
N LEU B 165 -17.03 -16.02 26.41
CA LEU B 165 -17.11 -16.02 27.90
C LEU B 165 -18.54 -15.69 28.29
N PRO B 166 -18.99 -16.17 29.46
CA PRO B 166 -20.36 -15.98 29.93
C PRO B 166 -20.56 -14.59 30.57
N LEU B 167 -20.31 -13.55 29.79
CA LEU B 167 -20.33 -12.20 30.31
C LEU B 167 -21.78 -11.84 30.65
N GLN B 168 -21.97 -11.22 31.80
CA GLN B 168 -23.30 -10.75 32.21
C GLN B 168 -23.34 -9.23 32.23
N ARG B 169 -22.22 -8.60 32.54
CA ARG B 169 -22.20 -7.17 32.56
C ARG B 169 -20.87 -6.60 32.07
N ALA B 170 -20.92 -5.35 31.62
CA ALA B 170 -19.72 -4.61 31.30
C ALA B 170 -19.67 -3.32 32.10
N LEU B 171 -18.55 -3.07 32.77
CA LEU B 171 -18.24 -1.81 33.40
C LEU B 171 -17.31 -1.02 32.46
N VAL B 172 -17.74 0.18 32.11
CA VAL B 172 -17.10 0.98 31.05
C VAL B 172 -16.77 2.44 31.34
N TRP B 173 -15.70 2.91 30.74
CA TRP B 173 -15.18 4.24 30.92
C TRP B 173 -14.62 4.79 29.64
N ASP B 174 -14.87 6.08 29.42
CA ASP B 174 -14.25 6.84 28.39
C ASP B 174 -14.03 8.24 28.97
N THR B 175 -12.97 8.89 28.53
CA THR B 175 -12.67 10.24 28.99
C THR B 175 -13.61 11.28 28.32
N ASP B 176 -14.26 10.90 27.23
CA ASP B 176 -15.28 11.71 26.57
C ASP B 176 -16.64 11.25 27.09
N PRO B 177 -17.35 12.14 27.81
CA PRO B 177 -18.64 11.70 28.39
C PRO B 177 -19.69 11.27 27.40
N ALA B 178 -19.76 11.96 26.25
CA ALA B 178 -20.69 11.63 25.23
C ALA B 178 -20.42 10.21 24.67
N HIS B 179 -19.16 9.82 24.64
CA HIS B 179 -18.78 8.46 24.13
C HIS B 179 -19.07 7.35 25.12
N ARG B 180 -18.93 7.60 26.42
CA ARG B 180 -19.30 6.57 27.37
C ARG B 180 -20.84 6.48 27.49
N GLU B 181 -21.53 7.61 27.29
CA GLU B 181 -23.01 7.67 27.33
C GLU B 181 -23.65 6.84 26.28
N SER B 182 -23.07 6.81 25.08
CA SER B 182 -23.72 6.11 23.99
C SER B 182 -23.37 4.64 23.96
N PHE B 183 -22.48 4.18 24.84
CA PHE B 183 -22.02 2.82 24.64
C PHE B 183 -23.10 1.77 24.82
N ALA B 184 -23.94 1.97 25.84
CA ALA B 184 -24.97 1.01 26.14
C ALA B 184 -25.88 0.68 24.94
N ARG B 185 -26.25 1.70 24.16
CA ARG B 185 -26.99 1.49 22.94
C ARG B 185 -26.22 0.67 21.89
N ARG B 186 -24.94 0.98 21.73
CA ARG B 186 -24.12 0.26 20.75
C ARG B 186 -23.85 -1.17 21.15
N ALA B 187 -23.99 -1.46 22.43
CA ALA B 187 -23.69 -2.77 22.97
C ALA B 187 -25.00 -3.61 23.19
N ALA B 188 -26.17 -2.97 23.12
CA ALA B 188 -27.43 -3.62 23.57
C ALA B 188 -27.75 -4.92 22.82
N PHE B 189 -27.34 -5.03 21.56
CA PHE B 189 -27.58 -6.23 20.77
C PHE B 189 -26.97 -7.47 21.39
N THR B 190 -25.94 -7.30 22.23
CA THR B 190 -25.19 -8.45 22.75
C THR B 190 -25.90 -9.07 23.93
N GLY B 191 -26.87 -8.33 24.50
CA GLY B 191 -27.52 -8.71 25.76
C GLY B 191 -26.70 -8.53 27.06
N VAL B 192 -25.54 -7.93 26.99
CA VAL B 192 -24.70 -7.73 28.13
C VAL B 192 -25.07 -6.37 28.68
N SER B 193 -25.39 -6.31 29.97
CA SER B 193 -25.78 -5.04 30.57
C SER B 193 -24.54 -4.14 30.73
N VAL B 194 -24.71 -2.82 30.54
CA VAL B 194 -23.63 -1.89 30.58
C VAL B 194 -23.79 -0.89 31.70
N GLU B 195 -22.71 -0.62 32.44
CA GLU B 195 -22.69 0.41 33.49
C GLU B 195 -21.44 1.26 33.38
N ILE B 196 -21.58 2.58 33.47
CA ILE B 196 -20.44 3.46 33.44
C ILE B 196 -19.77 3.43 34.78
N ALA B 197 -18.46 3.29 34.77
CA ALA B 197 -17.72 3.17 35.99
C ALA B 197 -16.33 3.71 35.82
N GLU B 198 -15.83 4.36 36.86
CA GLU B 198 -14.48 4.91 36.83
C GLU B 198 -13.37 3.81 36.72
N PRO B 199 -12.20 4.16 36.19
CA PRO B 199 -11.15 3.19 35.93
C PRO B 199 -10.71 2.40 37.16
N ALA B 200 -10.63 3.03 38.33
CA ALA B 200 -10.29 2.29 39.56
C ALA B 200 -11.33 1.20 39.91
N ARG B 201 -12.61 1.47 39.69
CA ARG B 201 -13.63 0.48 39.92
C ARG B 201 -13.61 -0.69 38.90
N ILE B 202 -13.36 -0.35 37.65
CA ILE B 202 -13.25 -1.37 36.61
C ILE B 202 -12.08 -2.31 36.96
N ALA B 203 -10.96 -1.74 37.37
CA ALA B 203 -9.81 -2.52 37.75
C ALA B 203 -10.11 -3.50 38.93
N ALA B 204 -10.88 -3.04 39.91
CA ALA B 204 -11.22 -3.84 41.08
C ALA B 204 -12.27 -4.91 40.77
N GLU B 205 -13.19 -4.64 39.85
CA GLU B 205 -14.32 -5.57 39.66
C GLU B 205 -14.31 -6.45 38.43
N ALA B 206 -13.57 -6.07 37.39
CA ALA B 206 -13.55 -6.86 36.14
C ALA B 206 -12.81 -8.19 36.22
N ASP B 207 -13.34 -9.16 35.50
CA ASP B 207 -12.67 -10.47 35.30
C ASP B 207 -11.72 -10.40 34.10
N VAL B 208 -12.11 -9.56 33.12
CA VAL B 208 -11.39 -9.43 31.86
C VAL B 208 -11.61 -7.94 31.43
N ILE B 209 -10.56 -7.27 30.98
CA ILE B 209 -10.63 -5.90 30.52
C ILE B 209 -10.09 -5.81 29.13
N SER B 210 -10.67 -4.95 28.31
CA SER B 210 -9.99 -4.51 27.09
C SER B 210 -9.79 -3.02 27.15
N THR B 211 -8.57 -2.60 26.88
CA THR B 211 -8.23 -1.21 26.72
C THR B 211 -8.10 -0.91 25.22
N ALA B 212 -8.88 0.07 24.75
CA ALA B 212 -8.83 0.47 23.34
C ALA B 212 -9.17 1.93 23.21
N THR B 213 -8.16 2.75 23.47
CA THR B 213 -8.28 4.19 23.55
C THR B 213 -7.41 4.84 22.52
N SER B 214 -7.77 6.08 22.21
CA SER B 214 -6.97 6.96 21.37
C SER B 214 -6.11 7.90 22.26
N VAL B 215 -5.68 7.41 23.42
CA VAL B 215 -4.78 8.18 24.25
C VAL B 215 -3.58 8.66 23.44
N ALA B 216 -3.16 9.88 23.75
CA ALA B 216 -1.93 10.44 23.19
C ALA B 216 -0.63 9.76 23.66
N VAL B 217 0.42 9.90 22.86
CA VAL B 217 1.78 9.45 23.19
C VAL B 217 2.16 10.08 24.51
N GLY B 218 2.73 9.29 25.41
CA GLY B 218 3.12 9.77 26.74
C GLY B 218 2.02 10.12 27.73
N GLN B 219 0.75 9.83 27.45
CA GLN B 219 -0.33 10.23 28.33
C GLN B 219 -0.96 9.05 29.05
N GLY B 220 -0.37 7.87 28.94
CA GLY B 220 -0.83 6.71 29.71
C GLY B 220 -0.42 6.83 31.16
N PRO B 221 -0.89 5.92 32.02
CA PRO B 221 -1.78 4.83 31.62
C PRO B 221 -3.25 5.25 31.63
N VAL B 222 -4.08 4.45 30.99
CA VAL B 222 -5.51 4.64 30.97
C VAL B 222 -6.21 3.76 32.02
N LEU B 223 -5.46 2.81 32.60
CA LEU B 223 -5.96 1.99 33.69
C LEU B 223 -4.94 2.12 34.84
N PRO B 224 -5.40 2.48 36.06
CA PRO B 224 -4.46 2.84 37.11
C PRO B 224 -3.94 1.55 37.75
N ASP B 225 -2.75 1.53 38.31
CA ASP B 225 -2.31 0.29 39.00
C ASP B 225 -2.89 0.29 40.43
N THR B 226 -4.19 0.12 40.58
CA THR B 226 -4.84 0.47 41.86
C THR B 226 -5.44 -0.71 42.55
N GLY B 227 -5.04 -1.91 42.15
CA GLY B 227 -5.65 -3.11 42.71
C GLY B 227 -6.57 -3.81 41.70
N VAL B 228 -6.25 -5.05 41.40
CA VAL B 228 -6.99 -5.84 40.41
C VAL B 228 -7.34 -7.22 40.96
N ARG B 229 -8.23 -7.92 40.29
CA ARG B 229 -8.51 -9.29 40.65
C ARG B 229 -7.35 -10.20 40.24
N GLU B 230 -7.20 -11.28 40.99
CA GLU B 230 -6.05 -12.14 40.88
C GLU B 230 -5.95 -12.74 39.49
N HIS B 231 -7.12 -13.07 38.93
CA HIS B 231 -7.26 -13.80 37.67
C HIS B 231 -7.42 -12.84 36.44
N LEU B 232 -7.34 -11.54 36.68
CA LEU B 232 -7.58 -10.59 35.62
C LEU B 232 -6.77 -10.95 34.36
N HIS B 233 -7.47 -10.91 33.23
CA HIS B 233 -6.84 -10.87 31.94
C HIS B 233 -7.15 -9.55 31.24
N ILE B 234 -6.10 -8.90 30.69
CA ILE B 234 -6.26 -7.67 29.91
C ILE B 234 -5.90 -7.86 28.47
N ASN B 235 -6.84 -7.53 27.58
CA ASN B 235 -6.53 -7.33 26.15
C ASN B 235 -6.16 -5.86 25.96
N ALA B 236 -4.89 -5.61 25.76
CA ALA B 236 -4.34 -4.27 25.56
C ALA B 236 -4.30 -4.02 24.07
N VAL B 237 -5.30 -3.30 23.58
CA VAL B 237 -5.60 -3.19 22.16
C VAL B 237 -5.10 -1.89 21.58
N GLY B 238 -5.06 -0.84 22.39
CA GLY B 238 -4.80 0.50 21.84
C GLY B 238 -3.36 0.58 21.36
N ALA B 239 -3.15 1.26 20.23
CA ALA B 239 -1.82 1.51 19.63
C ALA B 239 -1.86 1.95 18.18
N ASP B 240 -0.86 2.77 17.93
CA ASP B 240 -0.77 3.59 16.74
C ASP B 240 0.65 4.12 16.74
N LEU B 241 0.96 5.04 17.64
CA LEU B 241 2.21 5.76 17.56
C LEU B 241 3.19 5.23 18.60
N VAL B 242 4.47 5.16 18.22
CA VAL B 242 5.57 4.80 19.13
C VAL B 242 5.44 5.76 20.30
N GLY B 243 5.61 5.25 21.51
CA GLY B 243 5.51 6.08 22.70
C GLY B 243 4.07 6.14 23.22
N LYS B 244 3.18 5.40 22.56
CA LYS B 244 1.83 5.22 23.08
C LYS B 244 1.74 3.96 23.91
N THR B 245 1.33 4.12 25.16
CA THR B 245 1.03 2.98 25.99
C THR B 245 -0.22 3.26 26.78
N GLU B 246 -0.86 2.18 27.25
CA GLU B 246 -2.11 2.21 28.00
C GLU B 246 -2.00 1.64 29.37
N LEU B 247 -1.05 0.73 29.59
CA LEU B 247 -0.99 0.04 30.89
C LEU B 247 0.12 0.54 31.82
N PRO B 248 -0.07 0.39 33.12
CA PRO B 248 0.97 0.82 34.03
C PRO B 248 2.09 -0.20 34.06
N LEU B 249 3.32 0.27 34.13
CA LEU B 249 4.47 -0.62 34.08
C LEU B 249 4.44 -1.67 35.20
N GLY B 250 4.05 -1.26 36.42
CA GLY B 250 4.03 -2.16 37.58
C GLY B 250 3.14 -3.36 37.33
N LEU B 251 2.08 -3.12 36.58
CA LEU B 251 1.16 -4.17 36.24
C LEU B 251 1.73 -5.11 35.15
N LEU B 252 2.26 -4.55 34.06
CA LEU B 252 2.94 -5.39 33.07
C LEU B 252 4.02 -6.27 33.68
N GLU B 253 4.75 -5.75 34.65
CA GLU B 253 5.90 -6.49 35.20
C GLU B 253 5.47 -7.70 36.03
N ARG B 254 4.29 -7.65 36.63
CA ARG B 254 3.68 -8.75 37.35
C ARG B 254 2.88 -9.70 36.47
N ALA B 255 2.75 -9.41 35.17
CA ALA B 255 1.88 -10.20 34.31
C ALA B 255 2.60 -11.26 33.47
N PHE B 256 1.87 -12.32 33.14
CA PHE B 256 2.16 -13.16 32.00
C PHE B 256 1.71 -12.39 30.76
N VAL B 257 2.66 -11.97 29.93
CA VAL B 257 2.36 -11.16 28.75
C VAL B 257 2.60 -11.98 27.48
N THR B 258 1.59 -12.05 26.61
CA THR B 258 1.74 -12.64 25.28
C THR B 258 1.43 -11.57 24.23
N ALA B 259 2.27 -11.54 23.21
CA ALA B 259 2.14 -10.60 22.11
C ALA B 259 1.64 -11.26 20.88
N ASP B 260 0.85 -10.53 20.09
CA ASP B 260 0.45 -11.03 18.79
C ASP B 260 1.62 -11.18 17.82
N HIS B 261 2.52 -10.21 17.87
CA HIS B 261 3.62 -10.04 16.93
C HIS B 261 4.75 -9.48 17.74
N PRO B 262 5.54 -10.36 18.36
CA PRO B 262 6.51 -9.83 19.33
C PRO B 262 7.42 -8.69 18.90
N GLU B 263 8.03 -8.83 17.74
CA GLU B 263 8.95 -7.83 17.21
C GLU B 263 8.25 -6.47 17.07
N GLN B 264 7.03 -6.48 16.55
CA GLN B 264 6.20 -5.31 16.48
C GLN B 264 5.76 -4.75 17.81
N ALA B 265 5.34 -5.63 18.71
CA ALA B 265 4.90 -5.19 20.01
C ALA B 265 5.99 -4.55 20.82
N LEU B 266 7.21 -5.06 20.69
CA LEU B 266 8.31 -4.48 21.43
C LEU B 266 8.62 -3.05 20.99
N ARG B 267 8.27 -2.73 19.75
CA ARG B 267 8.39 -1.37 19.22
C ARG B 267 7.13 -0.49 19.41
N GLU B 268 5.93 -1.06 19.30
CA GLU B 268 4.71 -0.27 19.18
C GLU B 268 3.59 -0.61 20.16
N GLY B 269 3.77 -1.68 20.93
CA GLY B 269 2.73 -2.10 21.87
C GLY B 269 3.09 -1.80 23.29
N GLU B 270 2.38 -2.45 24.20
CA GLU B 270 2.71 -2.32 25.61
C GLU B 270 4.11 -2.85 25.87
N CYS B 271 4.57 -3.78 25.04
CA CYS B 271 5.87 -4.41 25.27
C CYS B 271 7.05 -3.44 25.01
N GLN B 272 6.73 -2.25 24.50
CA GLN B 272 7.60 -1.11 24.57
C GLN B 272 8.20 -0.88 25.95
N GLN B 273 7.45 -1.18 27.00
CA GLN B 273 7.92 -1.00 28.35
C GLN B 273 8.67 -2.24 28.90
N LEU B 274 8.88 -3.25 28.09
CA LEU B 274 9.47 -4.48 28.60
C LEU B 274 10.63 -4.88 27.70
N SER B 275 11.42 -5.81 28.18
CA SER B 275 12.45 -6.40 27.36
C SER B 275 11.89 -7.71 26.84
N ALA B 276 12.46 -8.15 25.73
CA ALA B 276 12.05 -9.37 25.04
C ALA B 276 12.04 -10.58 25.96
N ASP B 277 13.03 -10.65 26.84
CA ASP B 277 13.22 -11.80 27.68
C ASP B 277 12.12 -11.95 28.74
N ARG B 278 11.40 -10.87 29.05
CA ARG B 278 10.29 -10.97 30.00
C ARG B 278 8.95 -11.49 29.40
N LEU B 279 8.83 -11.59 28.08
CA LEU B 279 7.54 -12.03 27.50
C LEU B 279 7.35 -13.51 27.67
N GLY B 280 6.10 -13.93 27.82
CA GLY B 280 5.73 -15.32 27.58
C GLY B 280 5.71 -15.69 26.12
N PRO B 281 5.27 -16.93 25.83
CA PRO B 281 5.17 -17.35 24.43
C PRO B 281 4.19 -16.47 23.67
N GLN B 282 4.51 -16.20 22.41
CA GLN B 282 3.63 -15.43 21.56
C GLN B 282 2.31 -16.12 21.37
N LEU B 283 1.32 -15.34 20.95
CA LEU B 283 -0.03 -15.84 20.82
C LEU B 283 -0.07 -17.03 19.84
N ALA B 284 0.73 -16.99 18.77
CA ALA B 284 0.73 -18.11 17.82
C ALA B 284 1.15 -19.44 18.47
N HIS B 285 2.14 -19.36 19.33
CA HIS B 285 2.58 -20.54 20.05
C HIS B 285 1.49 -21.08 20.97
N LEU B 286 0.80 -20.17 21.65
CA LEU B 286 -0.30 -20.59 22.53
C LEU B 286 -1.43 -21.23 21.77
N CYS B 287 -1.75 -20.69 20.58
CA CYS B 287 -2.75 -21.36 19.75
C CYS B 287 -2.27 -22.71 19.24
N ALA B 288 -1.00 -22.84 18.85
CA ALA B 288 -0.47 -24.15 18.46
C ALA B 288 -0.45 -25.14 19.66
N ASP B 289 -0.23 -24.65 20.87
CA ASP B 289 -0.10 -25.53 22.06
C ASP B 289 -0.81 -24.84 23.27
N PRO B 290 -2.15 -24.92 23.34
CA PRO B 290 -2.94 -24.24 24.38
C PRO B 290 -2.57 -24.68 25.79
N ALA B 291 -2.09 -25.91 25.88
CA ALA B 291 -1.63 -26.43 27.17
C ALA B 291 -0.49 -25.59 27.72
N ALA B 292 0.24 -24.86 26.86
CA ALA B 292 1.31 -24.00 27.38
C ALA B 292 0.80 -22.85 28.25
N ALA B 293 -0.48 -22.52 28.12
CA ALA B 293 -1.10 -21.42 28.89
C ALA B 293 -1.72 -21.94 30.19
N ALA B 294 -1.50 -23.21 30.53
CA ALA B 294 -2.23 -23.81 31.69
C ALA B 294 -1.90 -23.04 32.94
N GLY B 295 -2.93 -22.70 33.72
CA GLY B 295 -2.76 -22.01 34.99
C GLY B 295 -2.73 -20.50 34.87
N ARG B 296 -2.57 -19.99 33.66
CA ARG B 296 -2.48 -18.54 33.45
C ARG B 296 -3.84 -17.85 33.55
N GLN B 297 -4.92 -18.62 33.39
CA GLN B 297 -6.29 -18.05 33.47
C GLN B 297 -6.58 -17.53 34.86
N ASP B 298 -5.95 -18.18 35.84
CA ASP B 298 -6.20 -17.83 37.23
C ASP B 298 -5.24 -16.81 37.85
N THR B 299 -4.23 -16.37 37.09
CA THR B 299 -3.30 -15.31 37.47
C THR B 299 -3.35 -14.11 36.49
N LEU B 300 -2.57 -13.09 36.78
CA LEU B 300 -2.61 -11.87 36.00
C LEU B 300 -2.00 -12.11 34.61
N SER B 301 -2.75 -11.72 33.58
CA SER B 301 -2.31 -11.87 32.21
C SER B 301 -2.63 -10.67 31.34
N VAL B 302 -1.81 -10.46 30.30
CA VAL B 302 -1.98 -9.36 29.33
C VAL B 302 -1.71 -9.90 27.95
N PHE B 303 -2.65 -9.65 27.03
CA PHE B 303 -2.44 -9.92 25.60
C PHE B 303 -2.15 -8.55 25.03
N ASP B 304 -0.97 -8.40 24.47
CA ASP B 304 -0.55 -7.17 23.84
C ASP B 304 -0.84 -7.28 22.35
N SER B 305 -1.93 -6.60 21.97
CA SER B 305 -2.45 -6.62 20.64
C SER B 305 -2.02 -5.36 19.88
N THR B 306 -1.42 -5.61 18.75
CA THR B 306 -1.03 -4.54 17.86
C THR B 306 -1.67 -4.56 16.44
N GLY B 307 -2.08 -5.72 15.94
CA GLY B 307 -2.72 -5.87 14.63
C GLY B 307 -1.65 -6.18 13.63
N PHE B 308 -1.86 -7.22 12.84
CA PHE B 308 -0.96 -7.49 11.74
C PHE B 308 -1.64 -8.07 10.55
N ALA B 309 -1.09 -7.82 9.37
CA ALA B 309 -1.78 -8.03 8.12
C ALA B 309 -2.33 -9.45 7.88
N PHE B 310 -1.70 -10.45 8.47
CA PHE B 310 -2.16 -11.85 8.36
C PHE B 310 -3.58 -11.90 8.86
N GLU B 311 -3.88 -11.14 9.92
CA GLU B 311 -5.26 -11.16 10.46
C GLU B 311 -6.23 -10.54 9.48
N ASP B 312 -5.80 -9.47 8.80
CA ASP B 312 -6.63 -8.89 7.79
C ASP B 312 -6.87 -9.81 6.55
N ALA B 313 -5.85 -10.53 6.13
CA ALA B 313 -5.97 -11.47 4.99
C ALA B 313 -7.02 -12.51 5.27
N LEU B 314 -6.95 -13.06 6.48
CA LEU B 314 -7.85 -14.13 6.91
C LEU B 314 -9.28 -13.65 7.00
N ALA B 315 -9.47 -12.46 7.56
CA ALA B 315 -10.79 -11.87 7.62
C ALA B 315 -11.32 -11.55 6.24
N MET B 316 -10.46 -11.00 5.36
CA MET B 316 -10.88 -10.69 4.05
C MET B 316 -11.38 -11.98 3.32
N GLU B 317 -10.69 -13.07 3.53
CA GLU B 317 -11.08 -14.35 2.95
C GLU B 317 -12.48 -14.78 3.42
N VAL B 318 -12.81 -14.57 4.68
CA VAL B 318 -14.17 -14.83 5.16
C VAL B 318 -15.21 -14.01 4.44
N PHE B 319 -14.96 -12.70 4.27
CA PHE B 319 -15.85 -11.85 3.54
C PHE B 319 -15.98 -12.31 2.09
N LEU B 320 -14.86 -12.60 1.47
CA LEU B 320 -14.92 -12.97 0.04
C LEU B 320 -15.79 -14.24 -0.17
N GLU B 321 -15.61 -15.21 0.71
CA GLU B 321 -16.39 -16.43 0.61
C GLU B 321 -17.85 -16.17 0.82
N ALA B 322 -18.21 -15.37 1.80
CA ALA B 322 -19.61 -15.03 1.97
C ALA B 322 -20.18 -14.24 0.81
N ALA B 323 -19.40 -13.35 0.22
CA ALA B 323 -19.87 -12.54 -0.87
C ALA B 323 -20.02 -13.41 -2.13
N ALA B 324 -19.14 -14.38 -2.28
CA ALA B 324 -19.19 -15.32 -3.44
C ALA B 324 -20.47 -16.16 -3.31
N GLU B 325 -20.74 -16.62 -2.10
CA GLU B 325 -21.99 -17.35 -1.79
C GLU B 325 -23.16 -16.60 -2.38
N ARG B 326 -23.20 -15.28 -2.23
CA ARG B 326 -24.37 -14.50 -2.58
C ARG B 326 -24.22 -13.57 -3.79
N ASP B 327 -23.23 -13.80 -4.65
CA ASP B 327 -22.96 -12.92 -5.82
C ASP B 327 -22.99 -11.48 -5.46
N LEU B 328 -22.22 -11.13 -4.43
CA LEU B 328 -22.19 -9.76 -3.96
C LEU B 328 -20.97 -9.06 -4.57
N GLY B 329 -21.00 -7.73 -4.58
CA GLY B 329 -19.91 -6.96 -5.23
C GLY B 329 -20.14 -6.57 -6.68
N ILE B 330 -19.25 -5.70 -7.17
CA ILE B 330 -19.16 -5.42 -8.58
C ILE B 330 -17.82 -5.88 -9.11
N ARG B 331 -17.72 -6.01 -10.42
CA ARG B 331 -16.45 -6.27 -11.08
C ARG B 331 -16.16 -5.05 -11.94
N VAL B 332 -14.95 -4.54 -11.83
CA VAL B 332 -14.59 -3.33 -12.56
C VAL B 332 -13.25 -3.61 -13.21
N GLY B 333 -13.13 -3.29 -14.48
CA GLY B 333 -11.87 -3.38 -15.13
C GLY B 333 -11.06 -2.15 -14.78
N ILE B 334 -10.16 -2.27 -13.83
CA ILE B 334 -9.39 -1.09 -13.39
C ILE B 334 -8.09 -1.10 -14.20
N GLU B 335 -7.33 -2.15 -14.02
CA GLU B 335 -5.99 -2.29 -14.63
C GLU B 335 -6.11 -2.49 -16.13
N HIS B 336 -5.17 -1.89 -16.82
CA HIS B 336 -5.19 -1.91 -18.23
C HIS B 336 -4.34 -3.12 -18.51
N HIS B 337 -4.99 -4.24 -18.87
CA HIS B 337 -4.26 -5.43 -19.36
C HIS B 337 -4.33 -5.41 -20.91
N PRO B 338 -3.45 -4.60 -21.57
CA PRO B 338 -3.44 -4.59 -23.04
C PRO B 338 -3.29 -6.00 -23.63
N GLY B 339 -4.09 -6.30 -24.66
CA GLY B 339 -4.15 -7.65 -25.22
C GLY B 339 -2.73 -7.83 -25.69
N ASP B 340 -2.22 -6.75 -26.27
CA ASP B 340 -0.82 -6.59 -26.50
C ASP B 340 -0.14 -6.09 -25.21
N ALA B 341 0.52 -7.01 -24.54
CA ALA B 341 1.22 -6.76 -23.27
C ALA B 341 2.27 -5.66 -23.43
N LEU B 342 2.71 -5.43 -24.67
CA LEU B 342 3.86 -4.54 -24.94
C LEU B 342 3.44 -3.19 -25.42
N ASP B 343 2.15 -2.92 -25.34
CA ASP B 343 1.66 -1.69 -25.80
C ASP B 343 0.79 -0.96 -24.80
N PRO B 344 1.36 0.04 -24.09
CA PRO B 344 0.59 0.66 -23.04
C PRO B 344 -0.52 1.58 -23.55
N TYR B 345 -0.46 1.97 -24.82
CA TYR B 345 -1.59 2.59 -25.53
C TYR B 345 -2.45 1.56 -26.34
N ALA B 346 -2.41 0.28 -26.01
CA ALA B 346 -3.36 -0.71 -26.62
C ALA B 346 -4.59 -0.76 -25.74
N LEU B 347 -5.47 0.20 -25.98
CA LEU B 347 -6.68 0.34 -25.19
C LEU B 347 -7.86 0.52 -26.14
N GLN B 348 -8.95 -0.20 -25.94
CA GLN B 348 -8.94 -1.63 -25.59
C GLN B 348 -10.05 -2.45 -26.28
N PRO B 349 -11.06 -1.79 -26.93
CA PRO B 349 -12.18 -2.52 -27.53
C PRO B 349 -12.06 -2.70 -29.07
N LEU B 350 -13.10 -3.18 -29.75
CA LEU B 350 -14.28 -3.80 -29.14
C LEU B 350 -14.25 -5.30 -29.33
PA NAD C . 8.55 -5.54 -20.90
O1A NAD C . 8.65 -6.89 -20.29
O2A NAD C . 7.42 -4.83 -21.55
O5B NAD C . 9.79 -5.24 -21.87
C5B NAD C . 11.12 -5.65 -21.51
C4B NAD C . 11.81 -6.11 -22.81
O4B NAD C . 13.16 -6.39 -22.52
C3B NAD C . 11.24 -7.48 -23.28
O3B NAD C . 10.69 -7.31 -24.59
C2B NAD C . 12.42 -8.43 -23.23
O2B NAD C . 12.49 -9.43 -24.25
C1B NAD C . 13.57 -7.47 -23.38
N9A NAD C . 14.90 -7.91 -22.91
C8A NAD C . 15.23 -8.72 -21.90
N7A NAD C . 16.54 -8.83 -21.75
C5A NAD C . 17.06 -8.09 -22.77
C6A NAD C . 18.40 -7.79 -23.21
N6A NAD C . 19.40 -8.34 -22.52
N1A NAD C . 18.51 -6.98 -24.27
C2A NAD C . 17.44 -6.47 -24.94
N3A NAD C . 16.17 -6.71 -24.60
C4A NAD C . 15.98 -7.49 -23.53
O3 NAD C . 8.91 -4.53 -19.59
PN NAD C . 8.80 -2.96 -19.52
O1N NAD C . 7.44 -2.56 -18.93
O2N NAD C . 9.17 -2.29 -20.83
O5D NAD C . 9.81 -2.61 -18.38
C5D NAD C . 11.23 -2.61 -18.63
C4D NAD C . 12.08 -2.37 -17.41
O4D NAD C . 11.85 -1.02 -17.00
C3D NAD C . 11.83 -3.26 -16.20
O3D NAD C . 13.08 -3.57 -15.61
C2D NAD C . 10.92 -2.37 -15.33
O2D NAD C . 10.97 -2.70 -13.94
C1D NAD C . 11.49 -1.01 -15.61
N1N NAD C . 10.66 0.17 -15.35
C2N NAD C . 11.29 1.23 -14.86
C3N NAD C . 10.60 2.39 -14.57
C7N NAD C . 11.38 3.59 -14.10
O7N NAD C . 12.64 3.68 -14.23
N7N NAD C . 10.64 4.59 -13.74
C4N NAD C . 9.23 2.44 -14.84
C5N NAD C . 8.59 1.31 -15.38
C6N NAD C . 9.33 0.21 -15.64
C YCP D . 8.14 2.22 -11.17
N YCP D . 10.27 1.10 -10.93
O YCP D . 6.94 2.22 -11.42
CA YCP D . 8.92 0.88 -11.47
CB YCP D . 8.08 -0.27 -10.92
CD YCP D . 10.28 -1.44 -10.29
CE YCP D . 11.03 -0.17 -10.69
CG YCP D . 8.92 -1.55 -11.03
OXT YCP D . 8.72 3.17 -10.60
PA NAD E . -12.14 5.51 18.57
O1A NAD E . -11.62 6.91 18.32
O2A NAD E . -13.47 5.03 17.99
O5B NAD E . -12.23 5.21 20.14
C5B NAD E . -11.15 5.58 21.02
C4B NAD E . -11.75 6.11 22.30
O4B NAD E . -10.74 6.32 23.27
C3B NAD E . -12.52 7.46 22.18
O3B NAD E . -13.89 7.26 22.55
C2B NAD E . -11.77 8.39 23.13
O2B NAD E . -12.50 9.43 23.78
C1B NAD E . -11.25 7.37 24.13
N9A NAD E . -10.12 7.79 24.95
C8A NAD E . -9.07 8.53 24.59
N7A NAD E . -8.20 8.64 25.58
C5A NAD E . -8.69 7.94 26.62
C6A NAD E . -8.29 7.68 28.02
N6A NAD E . -7.13 8.21 28.50
N1A NAD E . -9.09 6.89 28.74
C2A NAD E . -10.25 6.40 28.29
N3A NAD E . -10.72 6.63 27.04
C4A NAD E . -9.96 7.38 26.19
O3 NAD E . -10.92 4.54 18.11
PN NAD E . -10.97 2.90 17.93
O1N NAD E . -11.23 2.52 16.49
O2N NAD E . -11.79 2.31 19.05
O5D NAD E . -9.39 2.60 18.16
C5D NAD E . -8.87 2.59 19.48
C4D NAD E . -7.41 2.27 19.51
O4D NAD E . -7.30 0.90 19.06
C3D NAD E . -6.57 3.09 18.56
O3D NAD E . -5.30 3.34 19.15
C2D NAD E . -6.38 2.16 17.39
O2D NAD E . -5.22 2.46 16.63
C1D NAD E . -6.31 0.83 18.04
N1N NAD E . -6.53 -0.33 17.16
C2N NAD E . -5.78 -1.43 17.44
C3N NAD E . -5.91 -2.57 16.69
C7N NAD E . -5.14 -3.78 17.07
O7N NAD E . -4.56 -3.88 18.20
N7N NAD E . -5.30 -4.78 16.27
C4N NAD E . -6.86 -2.58 15.64
C5N NAD E . -7.67 -1.48 15.43
C6N NAD E . -7.47 -0.36 16.19
C YCP F . -4.58 -2.20 12.55
N YCP F . -3.17 -1.12 14.19
O YCP F . -5.42 -2.09 11.63
CA YCP F . -4.40 -0.95 13.43
CB YCP F . -4.27 0.16 12.44
CD YCP F . -2.63 1.25 13.85
CE YCP F . -2.80 0.13 14.87
CG YCP F . -3.95 1.42 13.13
OXT YCP F . -3.83 -3.19 12.75
#